data_9BLG
#
_entry.id   9BLG
#
_cell.length_a   45.270
_cell.length_b   214.270
_cell.length_c   55.810
_cell.angle_alpha   90.00
_cell.angle_beta   96.06
_cell.angle_gamma   90.00
#
_symmetry.space_group_name_H-M   'P 1 21 1'
#
loop_
_entity.id
_entity.type
_entity.pdbx_description
1 polymer 'Tyrosine-protein phosphatase non-receptor type 11'
2 non-polymer "(1S)-1'-{6-[(2-amino-3-chloropyridin-4-yl)sulfanyl]-1,2,4-triazin-3-yl}-1,3-dihydrospiro[indene-2,4'-piperidin]-1-amine"
3 water water
#
_entity_poly.entity_id   1
_entity_poly.type   'polypeptide(L)'
_entity_poly.pdbx_seq_one_letter_code
;MHHHHHHENLYFQSMTSRRWFHPNITGVEAENLLLTRGVDGSFLARPSKSNPGDFTLSVRRNGAVTHIKIQNTGDYYDLY
GGEKFATLAELVQYYMEHHGQLKEKNGDVIELKYPLNCADPTSERWFHGHLSGKEAEKLLTEKGKHGSFLVRESQSHPGD
FVLSVRTGDDKGESNDGKSKVTHVMIRCQELKYDVGGGERFDSLTDLVEHYKKNPMVETLGTVLQLKQPLNTTRINAAEI
ESRVRELSKLAETTDKVKQGFWEEFETLQQQECKLLYSRKEGQRQENKNKNRYKNILPFDHTRVVLHDGDPNEPVSDYIN
ANIIMPEFETKCNNSKPKKSYIATQGCLQNTVNDFWRMVFQENSRVIVMTTKEVERGKSKCVKYWPDEYALKEYGVMRVR
NVKESAAHDYTLRELKLSKVGQGNTERTVWQYHFRTWPDHGVPSDPGGVLDFLEEVHHKQESIMDAGPVVVHCSAGIGRT
GTFIVIDILIDIIREKGVDCDIDVPKTIQMVRSQRSGMVQTEAQYRFIYMAVQHYIETL
;
_entity_poly.pdbx_strand_id   A,B
#
# COMPACT_ATOMS: atom_id res chain seq x y z
N THR A 16 9.01 35.96 -24.63
CA THR A 16 7.61 36.21 -24.95
C THR A 16 7.00 35.07 -25.76
N SER A 17 7.84 34.38 -26.53
CA SER A 17 7.38 33.34 -27.43
C SER A 17 8.15 32.05 -27.18
N ARG A 18 7.52 30.94 -27.60
CA ARG A 18 8.11 29.61 -27.52
C ARG A 18 7.87 28.84 -28.82
N ARG A 19 7.84 29.55 -29.94
CA ARG A 19 7.50 28.94 -31.22
C ARG A 19 8.58 27.99 -31.74
N TRP A 20 9.77 27.99 -31.13
CA TRP A 20 10.83 27.10 -31.58
C TRP A 20 10.60 25.65 -31.17
N PHE A 21 9.57 25.37 -30.37
CA PHE A 21 9.25 24.01 -29.96
C PHE A 21 8.19 23.44 -30.89
N HIS A 22 8.51 22.34 -31.57
CA HIS A 22 7.60 21.70 -32.49
C HIS A 22 7.10 20.40 -31.86
N PRO A 23 5.82 20.30 -31.48
CA PRO A 23 5.38 19.10 -30.74
C PRO A 23 5.22 17.86 -31.60
N ASN A 24 4.81 18.00 -32.86
CA ASN A 24 4.39 16.87 -33.68
C ASN A 24 5.34 16.62 -34.86
N ILE A 25 6.64 16.82 -34.67
CA ILE A 25 7.59 16.63 -35.76
CA ILE A 25 7.62 16.67 -35.74
C ILE A 25 8.56 15.51 -35.39
N THR A 26 9.11 14.89 -36.43
CA THR A 26 10.07 13.81 -36.29
C THR A 26 11.49 14.33 -36.56
N GLY A 27 12.46 13.47 -36.34
CA GLY A 27 13.84 13.85 -36.58
C GLY A 27 14.12 14.14 -38.05
N VAL A 28 13.56 13.33 -38.95
CA VAL A 28 13.73 13.58 -40.37
C VAL A 28 13.02 14.86 -40.78
N GLU A 29 11.80 15.07 -40.26
CA GLU A 29 11.08 16.31 -40.55
C GLU A 29 11.81 17.53 -40.01
N ALA A 30 12.47 17.38 -38.85
CA ALA A 30 13.24 18.49 -38.31
C ALA A 30 14.42 18.85 -39.21
N GLU A 31 15.11 17.83 -39.72
CA GLU A 31 16.25 18.09 -40.61
C GLU A 31 15.81 18.81 -41.87
N ASN A 32 14.78 18.30 -42.54
CA ASN A 32 14.31 18.92 -43.78
C ASN A 32 13.75 20.31 -43.54
N LEU A 33 13.10 20.53 -42.39
CA LEU A 33 12.59 21.86 -42.08
C LEU A 33 13.72 22.86 -41.90
N LEU A 34 14.79 22.47 -41.20
CA LEU A 34 15.92 23.38 -41.00
C LEU A 34 16.73 23.55 -42.27
N LEU A 35 16.81 22.51 -43.12
CA LEU A 35 17.61 22.59 -44.33
C LEU A 35 16.93 23.40 -45.42
N THR A 36 15.59 23.37 -45.49
CA THR A 36 14.86 24.05 -46.56
C THR A 36 14.29 25.39 -46.15
N ARG A 37 13.98 25.60 -44.87
CA ARG A 37 13.37 26.83 -44.40
C ARG A 37 14.21 27.58 -43.38
N GLY A 38 15.35 27.02 -42.95
CA GLY A 38 16.24 27.66 -42.03
C GLY A 38 17.59 27.99 -42.66
N VAL A 39 18.43 28.64 -41.86
CA VAL A 39 19.78 28.99 -42.23
C VAL A 39 20.72 28.54 -41.12
N ASP A 40 22.02 28.77 -41.32
CA ASP A 40 23.00 28.45 -40.29
C ASP A 40 22.74 29.28 -39.05
N GLY A 41 22.61 28.60 -37.92
CA GLY A 41 22.18 29.22 -36.68
C GLY A 41 20.73 28.99 -36.33
N SER A 42 19.94 28.46 -37.26
CA SER A 42 18.55 28.14 -36.97
C SER A 42 18.48 26.91 -36.06
N PHE A 43 17.43 26.85 -35.26
CA PHE A 43 17.28 25.76 -34.29
C PHE A 43 15.81 25.55 -33.98
N LEU A 44 15.51 24.35 -33.48
CA LEU A 44 14.19 24.03 -32.94
C LEU A 44 14.35 22.97 -31.88
N ALA A 45 13.33 22.85 -31.03
CA ALA A 45 13.24 21.79 -30.04
C ALA A 45 12.03 20.93 -30.34
N ARG A 46 12.09 19.67 -29.93
CA ARG A 46 11.07 18.69 -30.27
C ARG A 46 11.13 17.55 -29.27
N PRO A 47 10.02 16.82 -29.10
CA PRO A 47 10.08 15.61 -28.27
C PRO A 47 10.92 14.54 -28.95
N SER A 48 11.57 13.74 -28.11
CA SER A 48 12.39 12.64 -28.59
C SER A 48 11.56 11.37 -28.69
N LYS A 49 11.55 10.77 -29.88
CA LYS A 49 10.86 9.50 -30.08
C LYS A 49 11.74 8.30 -29.83
N SER A 50 13.06 8.47 -29.89
CA SER A 50 13.97 7.39 -29.53
C SER A 50 14.07 7.21 -28.03
N ASN A 51 13.84 8.27 -27.27
CA ASN A 51 13.80 8.23 -25.80
C ASN A 51 12.54 8.94 -25.34
N PRO A 52 11.41 8.24 -25.30
CA PRO A 52 10.16 8.86 -24.83
C PRO A 52 10.34 9.53 -23.47
N GLY A 53 9.83 10.75 -23.36
CA GLY A 53 10.03 11.56 -22.18
C GLY A 53 11.19 12.52 -22.27
N ASP A 54 12.13 12.28 -23.18
CA ASP A 54 13.26 13.16 -23.41
C ASP A 54 12.95 14.11 -24.57
N PHE A 55 13.91 14.97 -24.89
CA PHE A 55 13.75 15.96 -25.94
C PHE A 55 15.03 16.05 -26.74
N THR A 56 14.94 16.68 -27.91
CA THR A 56 16.08 16.86 -28.79
C THR A 56 16.13 18.31 -29.27
N LEU A 57 17.32 18.89 -29.23
CA LEU A 57 17.57 20.21 -29.77
C LEU A 57 18.25 20.05 -31.13
N SER A 58 17.56 20.45 -32.20
CA SER A 58 18.07 20.31 -33.55
C SER A 58 18.55 21.67 -34.04
N VAL A 59 19.83 21.75 -34.40
CA VAL A 59 20.47 23.01 -34.78
C VAL A 59 21.14 22.82 -36.14
N ARG A 60 21.09 23.86 -36.98
CA ARG A 60 21.68 23.83 -38.31
C ARG A 60 23.02 24.57 -38.34
N ARG A 61 23.99 24.00 -39.04
CA ARG A 61 25.36 24.53 -39.05
C ARG A 61 26.00 24.15 -40.35
N ASN A 62 26.78 25.06 -40.95
CA ASN A 62 27.62 24.72 -42.09
C ASN A 62 26.84 23.93 -43.13
N GLY A 63 25.55 24.21 -43.26
CA GLY A 63 24.67 23.46 -44.13
C GLY A 63 24.25 22.09 -43.64
N ALA A 64 24.49 21.77 -42.36
CA ALA A 64 24.14 20.47 -41.80
C ALA A 64 23.38 20.66 -40.50
N VAL A 65 22.68 19.61 -40.07
CA VAL A 65 21.85 19.62 -38.88
C VAL A 65 22.49 18.73 -37.82
N THR A 66 22.56 19.23 -36.60
CA THR A 66 23.02 18.45 -35.45
C THR A 66 21.87 18.30 -34.46
N HIS A 67 21.80 17.13 -33.84
CA HIS A 67 20.78 16.82 -32.85
C HIS A 67 21.44 16.61 -31.50
N ILE A 68 20.96 17.35 -30.50
CA ILE A 68 21.52 17.32 -29.15
C ILE A 68 20.46 16.80 -28.20
N LYS A 69 20.82 15.81 -27.39
CA LYS A 69 19.88 15.15 -26.51
C LYS A 69 19.63 15.96 -25.25
N ILE A 70 18.36 16.05 -24.86
CA ILE A 70 17.94 16.68 -23.61
C ILE A 70 17.07 15.69 -22.87
N GLN A 71 17.58 15.15 -21.76
CA GLN A 71 16.87 14.14 -21.00
C GLN A 71 16.30 14.74 -19.72
N ASN A 72 15.11 14.27 -19.33
CA ASN A 72 14.47 14.70 -18.09
C ASN A 72 13.87 13.47 -17.43
N THR A 73 14.56 12.94 -16.42
CA THR A 73 14.04 11.82 -15.64
C THR A 73 13.10 12.26 -14.52
N GLY A 74 12.96 13.57 -14.29
CA GLY A 74 12.03 14.06 -13.30
C GLY A 74 12.56 15.20 -12.45
N ASP A 75 13.86 15.48 -12.55
CA ASP A 75 14.50 16.48 -11.70
C ASP A 75 14.89 17.75 -12.43
N TYR A 76 15.28 17.66 -13.70
CA TYR A 76 15.74 18.82 -14.47
C TYR A 76 15.89 18.40 -15.92
N TYR A 77 16.03 19.41 -16.79
CA TYR A 77 16.31 19.18 -18.19
C TYR A 77 17.83 19.12 -18.37
N ASP A 78 18.35 17.93 -18.66
CA ASP A 78 19.79 17.67 -18.74
C ASP A 78 20.20 17.66 -20.21
N LEU A 79 20.82 18.76 -20.65
CA LEU A 79 21.32 18.83 -22.01
C LEU A 79 22.66 18.11 -22.10
N TYR A 80 22.77 17.17 -23.04
CA TYR A 80 23.97 16.37 -23.16
C TYR A 80 25.15 17.22 -23.58
N GLY A 81 26.22 17.19 -22.79
CA GLY A 81 27.37 18.02 -23.05
C GLY A 81 27.18 19.48 -22.70
N GLY A 82 26.08 19.82 -22.06
CA GLY A 82 25.78 21.18 -21.66
C GLY A 82 25.50 21.24 -20.17
N GLU A 83 24.49 22.04 -19.82
CA GLU A 83 24.14 22.28 -18.43
C GLU A 83 22.74 21.75 -18.14
N LYS A 84 22.30 21.91 -16.89
CA LYS A 84 21.00 21.48 -16.43
C LYS A 84 20.12 22.71 -16.18
N PHE A 85 18.87 22.63 -16.62
CA PHE A 85 17.96 23.77 -16.57
C PHE A 85 16.60 23.35 -16.03
N ALA A 86 15.83 24.34 -15.60
CA ALA A 86 14.52 24.10 -15.02
C ALA A 86 13.41 24.01 -16.06
N THR A 87 13.54 24.74 -17.17
CA THR A 87 12.58 24.67 -18.26
C THR A 87 13.34 24.74 -19.59
N LEU A 88 12.67 24.30 -20.66
CA LEU A 88 13.25 24.43 -21.99
C LEU A 88 13.39 25.89 -22.39
N ALA A 89 12.46 26.75 -21.97
CA ALA A 89 12.56 28.17 -22.28
C ALA A 89 13.79 28.79 -21.61
N GLU A 90 14.01 28.48 -20.33
CA GLU A 90 15.19 28.97 -19.65
C GLU A 90 16.47 28.41 -20.26
N LEU A 91 16.42 27.17 -20.75
CA LEU A 91 17.55 26.61 -21.49
C LEU A 91 17.85 27.44 -22.74
N VAL A 92 16.83 27.63 -23.59
CA VAL A 92 17.03 28.37 -24.83
C VAL A 92 17.44 29.81 -24.54
N GLN A 93 16.80 30.43 -23.55
CA GLN A 93 17.17 31.80 -23.18
C GLN A 93 18.63 31.88 -22.75
N TYR A 94 19.12 30.86 -22.04
CA TYR A 94 20.49 30.89 -21.55
C TYR A 94 21.48 30.90 -22.71
N TYR A 95 21.32 30.00 -23.67
CA TYR A 95 22.28 29.86 -24.76
C TYR A 95 22.11 30.93 -25.83
N MET A 96 20.94 31.55 -25.93
CA MET A 96 20.75 32.62 -26.91
C MET A 96 21.42 33.93 -26.48
N GLU A 97 21.74 34.09 -25.19
CA GLU A 97 22.46 35.26 -24.73
C GLU A 97 23.89 34.96 -24.30
N HIS A 98 24.25 33.68 -24.14
CA HIS A 98 25.62 33.27 -23.83
C HIS A 98 26.18 32.59 -25.07
N HIS A 99 27.18 33.23 -25.69
CA HIS A 99 27.55 32.89 -27.06
C HIS A 99 28.25 31.54 -27.15
N GLY A 100 29.32 31.35 -26.39
CA GLY A 100 30.16 30.18 -26.56
C GLY A 100 29.97 29.11 -25.50
N GLN A 101 28.76 28.97 -24.99
CA GLN A 101 28.48 27.98 -23.96
C GLN A 101 28.15 26.61 -24.54
N LEU A 102 27.22 26.56 -25.49
CA LEU A 102 26.74 25.29 -26.00
C LEU A 102 27.76 24.66 -26.94
N LYS A 103 27.98 23.36 -26.76
CA LYS A 103 28.94 22.62 -27.59
C LYS A 103 28.41 21.23 -27.92
N GLY A 107 33.46 18.47 -29.88
CA GLY A 107 33.71 19.56 -28.94
C GLY A 107 33.55 20.93 -29.56
N ASP A 108 32.95 20.98 -30.75
CA ASP A 108 32.78 22.22 -31.47
C ASP A 108 31.68 23.08 -30.83
N VAL A 109 31.86 24.39 -30.91
CA VAL A 109 30.92 25.34 -30.34
C VAL A 109 29.74 25.51 -31.29
N ILE A 110 28.54 25.59 -30.70
CA ILE A 110 27.30 25.78 -31.45
C ILE A 110 26.52 27.01 -31.02
N GLU A 111 26.00 27.71 -32.03
CA GLU A 111 25.27 28.95 -31.88
C GLU A 111 23.77 28.71 -32.04
N LEU A 112 22.98 29.28 -31.14
CA LEU A 112 21.53 29.32 -31.25
C LEU A 112 21.17 30.74 -31.66
N LYS A 113 20.91 30.94 -32.95
CA LYS A 113 20.72 32.27 -33.50
C LYS A 113 19.28 32.56 -33.89
N TYR A 114 18.66 31.71 -34.70
CA TYR A 114 17.32 31.98 -35.23
C TYR A 114 16.36 30.87 -34.86
N PRO A 115 15.36 31.12 -34.01
CA PRO A 115 14.33 30.10 -33.78
C PRO A 115 13.52 29.86 -35.04
N LEU A 116 13.37 28.59 -35.41
CA LEU A 116 12.51 28.20 -36.53
C LEU A 116 11.10 27.99 -35.99
N ASN A 117 10.21 28.93 -36.30
CA ASN A 117 8.91 28.96 -35.64
C ASN A 117 8.00 27.83 -36.11
N CYS A 118 7.31 27.22 -35.16
CA CYS A 118 6.34 26.17 -35.45
C CYS A 118 5.02 26.79 -35.88
N ALA A 119 4.36 26.14 -36.83
CA ALA A 119 3.03 26.55 -37.28
C ALA A 119 1.93 25.71 -36.68
N ASP A 120 2.26 24.59 -36.04
CA ASP A 120 1.26 23.69 -35.47
C ASP A 120 0.54 24.38 -34.32
N PRO A 121 -0.80 24.49 -34.35
CA PRO A 121 -1.51 25.12 -33.24
C PRO A 121 -1.82 24.16 -32.11
N THR A 122 -1.15 23.02 -32.08
CA THR A 122 -1.52 21.93 -31.16
C THR A 122 -1.49 22.39 -29.71
N SER A 123 -0.41 23.08 -29.31
CA SER A 123 -0.20 23.43 -27.91
C SER A 123 -0.73 24.82 -27.54
N GLU A 124 -1.57 25.41 -28.38
CA GLU A 124 -2.15 26.71 -28.06
C GLU A 124 -3.36 26.54 -27.14
N ARG A 125 -3.50 27.44 -26.17
CA ARG A 125 -4.59 27.33 -25.21
C ARG A 125 -5.95 27.46 -25.86
N TRP A 126 -6.05 28.20 -26.96
CA TRP A 126 -7.33 28.46 -27.61
C TRP A 126 -7.66 27.46 -28.72
N PHE A 127 -6.79 26.50 -28.99
CA PHE A 127 -7.01 25.51 -30.04
C PHE A 127 -7.58 24.24 -29.43
N HIS A 128 -8.66 23.74 -30.01
CA HIS A 128 -9.35 22.57 -29.46
C HIS A 128 -9.60 21.48 -30.49
N GLY A 129 -8.97 21.56 -31.66
CA GLY A 129 -9.02 20.47 -32.62
C GLY A 129 -10.43 20.11 -33.05
N HIS A 130 -10.71 18.82 -33.08
CA HIS A 130 -12.00 18.31 -33.52
C HIS A 130 -13.08 18.60 -32.49
N LEU A 131 -13.75 19.75 -32.62
CA LEU A 131 -14.81 20.15 -31.71
C LEU A 131 -15.96 20.67 -32.55
N SER A 132 -17.15 20.10 -32.36
CA SER A 132 -18.30 20.47 -33.16
C SER A 132 -18.74 21.90 -32.84
N GLY A 133 -19.54 22.47 -33.76
CA GLY A 133 -20.04 23.81 -33.55
C GLY A 133 -21.02 23.91 -32.40
N LYS A 134 -21.82 22.86 -32.19
CA LYS A 134 -22.78 22.87 -31.08
C LYS A 134 -22.05 22.72 -29.75
N GLU A 135 -21.03 21.85 -29.69
CA GLU A 135 -20.26 21.70 -28.46
C GLU A 135 -19.49 22.97 -28.14
N ALA A 136 -19.02 23.68 -29.17
CA ALA A 136 -18.34 24.95 -28.95
C ALA A 136 -19.30 25.98 -28.37
N GLU A 137 -20.52 26.03 -28.88
CA GLU A 137 -21.53 26.93 -28.31
C GLU A 137 -21.87 26.55 -26.88
N LYS A 138 -21.97 25.25 -26.61
CA LYS A 138 -22.29 24.79 -25.26
C LYS A 138 -21.20 25.18 -24.27
N LEU A 139 -19.94 24.90 -24.62
CA LEU A 139 -18.83 25.21 -23.71
C LEU A 139 -18.74 26.71 -23.48
N LEU A 140 -18.82 27.51 -24.54
CA LEU A 140 -18.78 28.96 -24.39
C LEU A 140 -19.98 29.46 -23.61
N THR A 141 -21.12 28.77 -23.71
CA THR A 141 -22.31 29.17 -22.95
C THR A 141 -22.12 28.92 -21.47
N GLU A 142 -21.58 27.76 -21.10
CA GLU A 142 -21.57 27.34 -19.71
C GLU A 142 -20.40 27.91 -18.93
N LYS A 143 -19.22 27.98 -19.54
CA LYS A 143 -18.03 28.41 -18.81
C LYS A 143 -17.30 29.58 -19.47
N GLY A 144 -17.86 30.17 -20.52
CA GLY A 144 -17.23 31.29 -21.18
C GLY A 144 -17.68 32.63 -20.62
N LYS A 145 -16.82 33.62 -20.76
CA LYS A 145 -17.09 35.00 -20.38
C LYS A 145 -17.08 35.87 -21.62
N HIS A 146 -17.22 37.19 -21.43
CA HIS A 146 -17.10 38.12 -22.54
C HIS A 146 -15.67 38.12 -23.05
N GLY A 147 -15.50 37.74 -24.31
CA GLY A 147 -14.18 37.67 -24.91
C GLY A 147 -13.56 36.30 -24.94
N SER A 148 -14.26 35.29 -24.41
CA SER A 148 -13.74 33.93 -24.46
C SER A 148 -13.85 33.39 -25.88
N PHE A 149 -12.76 32.83 -26.39
CA PHE A 149 -12.71 32.40 -27.79
C PHE A 149 -12.01 31.05 -27.88
N LEU A 150 -12.18 30.42 -29.04
CA LEU A 150 -11.58 29.12 -29.32
C LEU A 150 -11.49 28.94 -30.83
N VAL A 151 -10.56 28.10 -31.25
CA VAL A 151 -10.38 27.75 -32.66
C VAL A 151 -10.57 26.24 -32.78
N ARG A 152 -11.40 25.82 -33.73
CA ARG A 152 -11.70 24.43 -33.96
C ARG A 152 -11.62 24.11 -35.44
N GLU A 153 -11.46 22.83 -35.76
CA GLU A 153 -11.45 22.41 -37.15
C GLU A 153 -12.86 22.51 -37.73
N SER A 154 -12.94 22.87 -39.02
CA SER A 154 -14.22 22.93 -39.70
C SER A 154 -14.74 21.51 -39.92
N GLN A 155 -15.96 21.24 -39.44
CA GLN A 155 -16.55 19.91 -39.58
C GLN A 155 -17.04 19.64 -40.99
N SER A 156 -17.21 20.67 -41.81
CA SER A 156 -17.69 20.51 -43.18
C SER A 156 -16.57 20.60 -44.21
N HIS A 157 -15.66 21.55 -44.06
CA HIS A 157 -14.54 21.71 -44.99
C HIS A 157 -13.25 21.29 -44.32
N PRO A 158 -12.74 20.08 -44.59
CA PRO A 158 -11.47 19.67 -43.97
C PRO A 158 -10.32 20.57 -44.41
N GLY A 159 -9.49 20.95 -43.44
CA GLY A 159 -8.44 21.91 -43.66
C GLY A 159 -8.79 23.32 -43.24
N ASP A 160 -10.07 23.65 -43.21
CA ASP A 160 -10.53 24.95 -42.73
C ASP A 160 -10.75 24.91 -41.21
N PHE A 161 -10.94 26.09 -40.63
CA PHE A 161 -11.10 26.22 -39.19
C PHE A 161 -12.20 27.22 -38.90
N VAL A 162 -12.67 27.22 -37.65
CA VAL A 162 -13.71 28.12 -37.18
C VAL A 162 -13.24 28.78 -35.89
N LEU A 163 -13.43 30.09 -35.81
CA LEU A 163 -13.16 30.84 -34.58
C LEU A 163 -14.49 31.22 -33.95
N SER A 164 -14.74 30.74 -32.74
CA SER A 164 -15.97 31.00 -32.01
C SER A 164 -15.66 31.89 -30.81
N VAL A 165 -16.32 33.04 -30.73
CA VAL A 165 -16.08 34.03 -29.70
C VAL A 165 -17.38 34.34 -28.99
N ARG A 166 -17.30 34.54 -27.67
CA ARG A 166 -18.43 34.97 -26.87
C ARG A 166 -18.29 36.44 -26.54
N THR A 167 -19.38 37.19 -26.73
CA THR A 167 -19.42 38.62 -26.41
C THR A 167 -20.72 38.93 -25.69
N GLY A 168 -20.69 39.97 -24.87
CA GLY A 168 -21.88 40.41 -24.18
C GLY A 168 -21.53 40.97 -22.81
N ASP A 169 -22.58 41.17 -22.01
CA ASP A 169 -22.46 41.72 -20.67
C ASP A 169 -22.30 40.59 -19.66
N ASP A 170 -21.34 40.75 -18.75
CA ASP A 170 -21.13 39.76 -17.69
C ASP A 170 -21.83 40.19 -16.41
N ASN A 175 -29.29 33.44 -19.17
CA ASN A 175 -29.44 33.46 -20.63
C ASN A 175 -30.62 34.34 -21.03
N ASP A 176 -30.33 35.63 -21.22
CA ASP A 176 -31.36 36.63 -21.53
C ASP A 176 -31.06 37.38 -22.82
N GLY A 177 -30.24 36.82 -23.70
CA GLY A 177 -29.87 37.47 -24.93
C GLY A 177 -28.88 38.60 -24.79
N LYS A 178 -28.45 38.92 -23.56
CA LYS A 178 -27.45 39.96 -23.36
C LYS A 178 -26.05 39.53 -23.78
N SER A 179 -25.85 38.24 -24.04
CA SER A 179 -24.58 37.73 -24.55
C SER A 179 -24.86 36.82 -25.73
N LYS A 180 -23.82 36.57 -26.52
CA LYS A 180 -23.99 35.79 -27.75
C LYS A 180 -22.66 35.11 -28.09
N VAL A 181 -22.74 34.17 -29.03
CA VAL A 181 -21.58 33.46 -29.55
C VAL A 181 -21.53 33.69 -31.06
N THR A 182 -20.43 34.25 -31.54
CA THR A 182 -20.23 34.52 -32.95
C THR A 182 -19.18 33.56 -33.51
N HIS A 183 -19.48 32.99 -34.67
CA HIS A 183 -18.57 32.09 -35.35
C HIS A 183 -17.97 32.79 -36.57
N VAL A 184 -16.66 32.67 -36.73
CA VAL A 184 -15.94 33.29 -37.84
C VAL A 184 -15.20 32.19 -38.60
N MET A 185 -15.52 32.04 -39.88
CA MET A 185 -14.90 31.01 -40.69
C MET A 185 -13.46 31.39 -41.02
N ILE A 186 -12.57 30.40 -40.95
CA ILE A 186 -11.16 30.58 -41.29
C ILE A 186 -10.86 29.65 -42.46
N ARG A 187 -10.62 30.23 -43.62
CA ARG A 187 -10.37 29.46 -44.84
C ARG A 187 -8.87 29.20 -45.00
N CYS A 188 -8.54 28.00 -45.47
CA CYS A 188 -7.18 27.64 -45.80
C CYS A 188 -7.04 27.66 -47.32
N GLN A 189 -6.33 28.67 -47.83
CA GLN A 189 -6.16 28.87 -49.27
C GLN A 189 -4.67 28.91 -49.59
N GLU A 190 -4.20 27.88 -50.29
CA GLU A 190 -2.80 27.76 -50.72
C GLU A 190 -1.86 27.96 -49.53
N LEU A 191 -2.06 27.15 -48.50
CA LEU A 191 -1.24 27.07 -47.30
C LEU A 191 -1.32 28.32 -46.43
N LYS A 192 -2.25 29.23 -46.68
CA LYS A 192 -2.43 30.42 -45.87
C LYS A 192 -3.85 30.49 -45.35
N TYR A 193 -4.03 31.22 -44.25
CA TYR A 193 -5.30 31.30 -43.55
C TYR A 193 -5.81 32.74 -43.53
N ASP A 194 -7.13 32.88 -43.60
CA ASP A 194 -7.77 34.19 -43.62
C ASP A 194 -9.22 34.04 -43.16
N VAL A 195 -9.81 35.16 -42.80
CA VAL A 195 -11.20 35.19 -42.32
C VAL A 195 -12.15 35.69 -43.40
N GLY A 196 -11.77 35.59 -44.67
CA GLY A 196 -12.59 36.03 -45.79
C GLY A 196 -12.11 37.32 -46.44
N GLY A 197 -11.15 38.00 -45.84
CA GLY A 197 -10.64 39.24 -46.39
C GLY A 197 -9.50 39.75 -45.53
N GLY A 198 -8.78 40.72 -46.09
CA GLY A 198 -7.65 41.32 -45.39
C GLY A 198 -6.38 40.53 -45.54
N GLU A 199 -5.61 40.42 -44.44
CA GLU A 199 -4.32 39.75 -44.49
C GLU A 199 -4.48 38.24 -44.52
N ARG A 200 -3.48 37.57 -45.10
CA ARG A 200 -3.41 36.12 -45.13
C ARG A 200 -2.21 35.68 -44.30
N PHE A 201 -2.42 34.73 -43.40
CA PHE A 201 -1.43 34.36 -42.41
C PHE A 201 -0.89 32.95 -42.66
N ASP A 202 0.37 32.75 -42.28
CA ASP A 202 1.03 31.46 -42.44
C ASP A 202 0.66 30.46 -41.35
N SER A 203 -0.09 30.88 -40.33
CA SER A 203 -0.45 29.98 -39.24
C SER A 203 -1.65 30.56 -38.51
N LEU A 204 -2.40 29.66 -37.85
CA LEU A 204 -3.50 30.09 -37.01
C LEU A 204 -3.01 30.98 -35.87
N THR A 205 -1.78 30.75 -35.39
CA THR A 205 -1.22 31.56 -34.32
C THR A 205 -1.08 33.01 -34.76
N ASP A 206 -0.53 33.23 -35.97
CA ASP A 206 -0.39 34.59 -36.47
C ASP A 206 -1.75 35.24 -36.69
N LEU A 207 -2.71 34.48 -37.20
CA LEU A 207 -4.06 35.01 -37.40
C LEU A 207 -4.70 35.41 -36.07
N VAL A 208 -4.63 34.52 -35.07
CA VAL A 208 -5.22 34.81 -33.77
C VAL A 208 -4.53 36.01 -33.13
N GLU A 209 -3.19 36.05 -33.20
CA GLU A 209 -2.45 37.17 -32.61
C GLU A 209 -2.82 38.49 -33.28
N HIS A 210 -3.01 38.47 -34.61
CA HIS A 210 -3.33 39.70 -35.32
C HIS A 210 -4.69 40.24 -34.90
N TYR A 211 -5.69 39.37 -34.81
CA TYR A 211 -7.04 39.82 -34.47
C TYR A 211 -7.24 39.98 -32.97
N LYS A 212 -6.30 39.53 -32.14
CA LYS A 212 -6.27 39.99 -30.76
C LYS A 212 -5.85 41.46 -30.68
N LYS A 213 -4.87 41.84 -31.49
CA LYS A 213 -4.40 43.22 -31.52
C LYS A 213 -5.37 44.13 -32.27
N ASN A 214 -5.93 43.64 -33.38
CA ASN A 214 -6.87 44.40 -34.21
C ASN A 214 -8.17 43.59 -34.27
N PRO A 215 -9.07 43.78 -33.32
CA PRO A 215 -10.28 42.94 -33.27
C PRO A 215 -11.21 43.20 -34.43
N MET A 216 -11.88 42.14 -34.88
CA MET A 216 -12.88 42.27 -35.93
C MET A 216 -14.10 43.00 -35.41
N VAL A 217 -14.64 43.89 -36.25
CA VAL A 217 -15.84 44.65 -35.93
C VAL A 217 -16.87 44.34 -37.02
N GLU A 218 -17.92 43.63 -36.63
CA GLU A 218 -19.00 43.34 -37.57
C GLU A 218 -19.87 44.57 -37.75
N THR A 219 -20.85 44.49 -38.64
CA THR A 219 -21.79 45.58 -38.81
C THR A 219 -22.59 45.77 -37.52
N LEU A 220 -23.12 46.98 -37.35
CA LEU A 220 -23.85 47.44 -36.18
C LEU A 220 -22.96 47.61 -34.95
N GLY A 221 -21.66 47.31 -35.04
CA GLY A 221 -20.69 47.80 -34.08
C GLY A 221 -20.14 46.82 -33.07
N THR A 222 -20.50 45.54 -33.13
CA THR A 222 -20.00 44.59 -32.14
C THR A 222 -18.53 44.29 -32.37
N VAL A 223 -17.72 44.46 -31.33
CA VAL A 223 -16.29 44.19 -31.38
C VAL A 223 -16.05 42.76 -30.91
N LEU A 224 -15.44 41.94 -31.77
CA LEU A 224 -15.16 40.54 -31.45
C LEU A 224 -13.82 40.44 -30.72
N GLN A 225 -13.86 40.85 -29.44
CA GLN A 225 -12.65 40.88 -28.64
C GLN A 225 -12.22 39.46 -28.28
N LEU A 226 -10.95 39.14 -28.57
CA LEU A 226 -10.36 37.86 -28.20
C LEU A 226 -9.59 38.10 -26.90
N LYS A 227 -10.31 38.01 -25.77
CA LYS A 227 -9.77 38.42 -24.48
C LYS A 227 -9.06 37.29 -23.76
N GLN A 228 -9.60 36.07 -23.78
CA GLN A 228 -8.96 34.95 -23.10
C GLN A 228 -9.45 33.66 -23.74
N PRO A 229 -8.63 32.62 -23.77
CA PRO A 229 -9.09 31.34 -24.32
C PRO A 229 -10.14 30.69 -23.43
N LEU A 230 -10.95 29.84 -24.05
CA LEU A 230 -11.95 29.09 -23.29
C LEU A 230 -11.27 28.06 -22.41
N ASN A 231 -11.63 28.04 -21.13
CA ASN A 231 -11.06 27.10 -20.18
C ASN A 231 -11.84 25.78 -20.24
N THR A 232 -11.14 24.70 -20.57
CA THR A 232 -11.72 23.37 -20.56
C THR A 232 -10.98 22.42 -19.62
N THR A 233 -10.07 22.93 -18.80
CA THR A 233 -9.34 22.10 -17.84
C THR A 233 -9.91 22.18 -16.43
N ARG A 234 -10.52 23.30 -16.06
CA ARG A 234 -11.20 23.39 -14.78
C ARG A 234 -12.47 22.55 -14.80
N ILE A 235 -12.56 21.59 -13.87
CA ILE A 235 -13.69 20.69 -13.79
C ILE A 235 -14.09 20.52 -12.33
N ASN A 236 -15.30 19.99 -12.13
CA ASN A 236 -15.74 19.62 -10.79
C ASN A 236 -14.96 18.40 -10.31
N ALA A 237 -14.70 18.37 -8.99
CA ALA A 237 -13.86 17.32 -8.43
C ALA A 237 -14.43 15.93 -8.66
N ALA A 238 -15.76 15.80 -8.68
CA ALA A 238 -16.38 14.50 -8.88
C ALA A 238 -16.22 14.00 -10.32
N GLU A 239 -15.88 14.88 -11.26
CA GLU A 239 -15.69 14.50 -12.65
C GLU A 239 -14.23 14.16 -12.97
N ILE A 240 -13.37 14.09 -11.95
CA ILE A 240 -11.95 13.81 -12.18
C ILE A 240 -11.76 12.43 -12.78
N GLU A 241 -12.42 11.42 -12.20
CA GLU A 241 -12.27 10.06 -12.69
C GLU A 241 -12.71 9.96 -14.14
N SER A 242 -13.79 10.65 -14.51
CA SER A 242 -14.21 10.68 -15.91
C SER A 242 -13.18 11.39 -16.79
N ARG A 243 -12.66 12.54 -16.32
CA ARG A 243 -11.69 13.29 -17.10
C ARG A 243 -10.39 12.51 -17.27
N VAL A 244 -9.91 11.87 -16.19
CA VAL A 244 -8.70 11.05 -16.29
C VAL A 244 -8.89 9.94 -17.31
N ARG A 245 -10.11 9.38 -17.39
CA ARG A 245 -10.39 8.35 -18.38
C ARG A 245 -10.34 8.91 -19.79
N GLU A 246 -10.86 10.13 -19.99
CA GLU A 246 -10.79 10.76 -21.30
C GLU A 246 -9.34 11.08 -21.69
N LEU A 247 -8.58 11.66 -20.77
CA LEU A 247 -7.20 12.02 -21.05
C LEU A 247 -6.31 10.82 -21.28
N SER A 248 -6.69 9.65 -20.76
CA SER A 248 -5.85 8.46 -20.88
C SER A 248 -5.97 7.77 -22.22
N LYS A 249 -6.97 8.10 -23.03
CA LYS A 249 -7.12 7.48 -24.35
C LYS A 249 -7.16 8.55 -25.44
N LYS A 258 -9.77 16.31 -29.28
CA LYS A 258 -8.88 15.22 -28.94
C LYS A 258 -7.89 15.66 -27.86
N GLN A 259 -8.43 16.15 -26.75
CA GLN A 259 -7.62 16.63 -25.63
C GLN A 259 -7.20 15.45 -24.77
N GLY A 260 -5.94 15.02 -24.93
CA GLY A 260 -5.38 13.98 -24.10
C GLY A 260 -4.42 14.53 -23.07
N PHE A 261 -3.76 13.61 -22.36
CA PHE A 261 -2.77 14.01 -21.36
C PHE A 261 -1.63 14.79 -22.02
N TRP A 262 -1.14 14.31 -23.16
CA TRP A 262 0.00 14.95 -23.81
C TRP A 262 -0.37 16.33 -24.34
N GLU A 263 -1.53 16.44 -24.99
CA GLU A 263 -1.96 17.74 -25.52
C GLU A 263 -2.15 18.76 -24.40
N GLU A 264 -2.76 18.34 -23.29
CA GLU A 264 -2.98 19.26 -22.18
C GLU A 264 -1.66 19.68 -21.54
N PHE A 265 -0.76 18.72 -21.31
CA PHE A 265 0.52 19.04 -20.68
C PHE A 265 1.35 19.96 -21.56
N GLU A 266 1.46 19.64 -22.85
CA GLU A 266 2.27 20.46 -23.75
C GLU A 266 1.68 21.84 -23.96
N THR A 267 0.35 21.97 -23.86
CA THR A 267 -0.25 23.30 -23.87
C THR A 267 0.19 24.11 -22.66
N LEU A 268 0.21 23.47 -21.48
CA LEU A 268 0.73 24.12 -20.29
C LEU A 268 2.20 24.46 -20.44
N GLN A 269 2.97 23.56 -21.06
CA GLN A 269 4.41 23.80 -21.23
C GLN A 269 4.67 25.01 -22.11
N GLN A 270 3.82 25.27 -23.11
CA GLN A 270 4.01 26.43 -23.97
C GLN A 270 3.90 27.73 -23.18
N GLN A 271 3.12 27.73 -22.11
CA GLN A 271 2.93 28.94 -21.30
C GLN A 271 4.11 29.21 -20.37
N GLU A 272 5.12 28.36 -20.35
CA GLU A 272 6.29 28.61 -19.50
C GLU A 272 7.09 29.81 -19.99
N CYS A 273 6.92 30.22 -21.24
CA CYS A 273 7.64 31.37 -21.77
C CYS A 273 7.19 32.68 -21.16
N LYS A 274 6.04 32.70 -20.47
CA LYS A 274 5.59 33.90 -19.77
C LYS A 274 6.18 34.01 -18.37
N LEU A 275 6.99 33.04 -17.94
CA LEU A 275 7.49 32.98 -16.57
C LEU A 275 9.01 33.13 -16.53
N LEU A 276 9.58 33.85 -17.48
CA LEU A 276 11.04 34.05 -17.53
C LEU A 276 11.43 35.27 -16.69
N TYR A 277 11.08 35.19 -15.40
CA TYR A 277 11.40 36.26 -14.47
C TYR A 277 12.88 36.23 -14.11
N SER A 278 13.38 37.38 -13.66
CA SER A 278 14.81 37.53 -13.39
C SER A 278 15.23 36.67 -12.20
N ARG A 279 16.42 36.10 -12.30
CA ARG A 279 17.06 35.35 -11.23
C ARG A 279 18.48 35.88 -11.02
N LYS A 280 18.60 37.18 -10.85
CA LYS A 280 19.91 37.82 -10.84
C LYS A 280 20.66 37.59 -9.53
N GLU A 281 19.93 37.50 -8.41
CA GLU A 281 20.60 37.28 -7.13
C GLU A 281 21.31 35.93 -7.10
N GLY A 282 20.70 34.91 -7.71
CA GLY A 282 21.33 33.61 -7.79
C GLY A 282 22.51 33.55 -8.75
N GLN A 283 22.64 34.55 -9.62
CA GLN A 283 23.74 34.60 -10.57
C GLN A 283 24.95 35.38 -10.07
N ARG A 284 24.85 36.03 -8.92
CA ARG A 284 25.97 36.79 -8.39
C ARG A 284 27.12 35.87 -8.05
N GLN A 285 28.34 36.40 -8.17
CA GLN A 285 29.55 35.59 -7.96
C GLN A 285 29.58 34.98 -6.56
N GLU A 286 29.19 35.75 -5.55
CA GLU A 286 29.20 35.25 -4.17
C GLU A 286 28.18 34.15 -3.94
N ASN A 287 27.24 33.93 -4.87
CA ASN A 287 26.16 32.98 -4.66
C ASN A 287 26.21 31.77 -5.60
N LYS A 288 27.15 31.75 -6.56
CA LYS A 288 27.18 30.66 -7.53
C LYS A 288 27.38 29.30 -6.85
N ASN A 289 28.27 29.25 -5.85
CA ASN A 289 28.58 28.00 -5.18
C ASN A 289 27.50 27.57 -4.20
N LYS A 290 26.51 28.42 -3.92
CA LYS A 290 25.40 28.05 -3.06
C LYS A 290 24.28 27.35 -3.82
N ASN A 291 24.45 27.12 -5.12
CA ASN A 291 23.45 26.48 -5.95
C ASN A 291 23.92 25.07 -6.31
N ARG A 292 23.04 24.09 -6.13
CA ARG A 292 23.38 22.72 -6.51
C ARG A 292 23.54 22.61 -8.02
N TYR A 293 22.73 23.36 -8.77
CA TYR A 293 22.85 23.43 -10.23
C TYR A 293 22.87 24.90 -10.62
N LYS A 294 23.95 25.30 -11.30
CA LYS A 294 24.25 26.72 -11.48
C LYS A 294 23.16 27.48 -12.23
N ASN A 295 22.36 26.79 -13.05
CA ASN A 295 21.35 27.45 -13.85
C ASN A 295 19.93 27.21 -13.35
N ILE A 296 19.76 26.46 -12.27
CA ILE A 296 18.45 26.28 -11.64
C ILE A 296 18.44 27.20 -10.42
N LEU A 297 17.81 28.36 -10.56
CA LEU A 297 17.93 29.44 -9.61
C LEU A 297 16.56 29.94 -9.17
N PRO A 298 16.47 30.54 -7.99
CA PRO A 298 15.19 31.10 -7.54
C PRO A 298 14.90 32.45 -8.16
N PHE A 299 13.62 32.70 -8.42
CA PHE A 299 13.18 34.01 -8.86
C PHE A 299 13.51 35.05 -7.79
N ASP A 300 13.96 36.23 -8.25
CA ASP A 300 14.33 37.29 -7.33
C ASP A 300 13.12 37.73 -6.49
N HIS A 301 11.95 37.82 -7.12
CA HIS A 301 10.80 38.43 -6.46
C HIS A 301 10.09 37.49 -5.50
N THR A 302 10.42 36.20 -5.48
CA THR A 302 9.84 35.26 -4.53
C THR A 302 10.86 34.54 -3.69
N ARG A 303 12.15 34.84 -3.83
CA ARG A 303 13.18 34.11 -3.10
C ARG A 303 13.11 34.42 -1.61
N VAL A 304 13.57 33.47 -0.81
CA VAL A 304 13.64 33.64 0.64
C VAL A 304 14.89 34.44 0.95
N VAL A 305 14.71 35.65 1.48
CA VAL A 305 15.82 36.53 1.83
C VAL A 305 16.16 36.33 3.29
N LEU A 306 17.41 35.94 3.55
CA LEU A 306 17.88 35.70 4.91
C LEU A 306 18.46 36.98 5.48
N HIS A 307 18.08 37.32 6.71
CA HIS A 307 18.60 38.51 7.37
C HIS A 307 19.43 38.13 8.59
N ASP A 308 19.89 39.16 9.30
CA ASP A 308 20.66 39.02 10.53
C ASP A 308 21.87 38.11 10.34
N GLY A 309 22.42 38.10 9.12
CA GLY A 309 23.59 37.32 8.82
C GLY A 309 24.85 37.93 9.39
N ASP A 310 25.96 37.24 9.17
CA ASP A 310 27.25 37.70 9.66
C ASP A 310 27.65 38.99 8.95
N PRO A 311 27.85 40.10 9.67
CA PRO A 311 28.25 41.35 9.01
C PRO A 311 29.61 41.27 8.32
N ASN A 312 30.41 40.24 8.62
CA ASN A 312 31.69 40.08 7.94
C ASN A 312 31.54 39.38 6.60
N GLU A 313 30.54 38.52 6.46
CA GLU A 313 30.25 37.90 5.18
C GLU A 313 29.56 38.91 4.26
N PRO A 314 30.14 39.23 3.10
CA PRO A 314 29.55 40.30 2.28
C PRO A 314 28.13 40.00 1.79
N VAL A 315 27.89 38.78 1.30
CA VAL A 315 26.58 38.38 0.81
C VAL A 315 26.13 37.20 1.67
N SER A 316 25.20 37.45 2.59
CA SER A 316 24.73 36.43 3.52
C SER A 316 23.21 36.30 3.49
N ASP A 317 22.56 36.84 2.46
CA ASP A 317 21.10 36.88 2.40
C ASP A 317 20.52 35.86 1.42
N TYR A 318 21.35 35.00 0.84
CA TYR A 318 20.93 34.17 -0.28
C TYR A 318 20.78 32.70 0.12
N ILE A 319 19.72 32.08 -0.39
CA ILE A 319 19.56 30.63 -0.37
C ILE A 319 18.70 30.27 -1.58
N ASN A 320 18.99 29.13 -2.20
CA ASN A 320 18.24 28.68 -3.36
C ASN A 320 16.90 28.13 -2.86
N ALA A 321 15.93 29.04 -2.71
CA ALA A 321 14.63 28.69 -2.16
C ALA A 321 13.64 29.79 -2.53
N ASN A 322 12.37 29.40 -2.67
CA ASN A 322 11.31 30.33 -3.00
C ASN A 322 10.11 30.08 -2.11
N ILE A 323 9.42 31.17 -1.74
CA ILE A 323 8.12 31.05 -1.11
C ILE A 323 7.10 30.66 -2.18
N ILE A 324 6.27 29.68 -1.87
CA ILE A 324 5.18 29.25 -2.74
C ILE A 324 3.88 29.47 -2.00
N MET A 325 3.03 30.36 -2.54
CA MET A 325 1.73 30.65 -1.95
C MET A 325 0.63 30.14 -2.85
N PRO A 326 -0.38 29.45 -2.30
CA PRO A 326 -1.48 28.97 -3.14
C PRO A 326 -2.40 30.11 -3.61
N GLU A 327 -3.59 29.75 -4.09
CA GLU A 327 -4.52 30.69 -4.69
C GLU A 327 -3.91 31.39 -5.91
N LYS A 338 -5.19 28.51 4.58
CA LYS A 338 -4.34 27.84 3.61
C LYS A 338 -2.87 27.96 4.01
N LYS A 339 -2.16 26.84 3.98
CA LYS A 339 -0.74 26.85 4.29
C LYS A 339 0.07 27.33 3.09
N SER A 340 1.28 27.80 3.37
CA SER A 340 2.25 28.17 2.34
C SER A 340 3.44 27.23 2.40
N TYR A 341 4.31 27.35 1.41
CA TYR A 341 5.44 26.43 1.27
C TYR A 341 6.71 27.20 0.97
N ILE A 342 7.84 26.56 1.29
CA ILE A 342 9.15 26.97 0.82
C ILE A 342 9.69 25.81 -0.02
N ALA A 343 9.84 26.04 -1.32
CA ALA A 343 10.43 25.06 -2.21
C ALA A 343 11.92 25.37 -2.35
N THR A 344 12.76 24.40 -2.00
CA THR A 344 14.20 24.63 -1.95
C THR A 344 14.91 23.38 -2.46
N GLN A 345 16.23 23.52 -2.62
CA GLN A 345 17.06 22.44 -3.12
C GLN A 345 17.56 21.57 -1.97
N GLY A 346 18.13 20.43 -2.33
CA GLY A 346 18.85 19.62 -1.34
C GLY A 346 20.10 20.34 -0.90
N CYS A 347 20.35 20.33 0.41
CA CYS A 347 21.46 21.09 0.97
C CYS A 347 22.79 20.67 0.38
N LEU A 348 23.67 21.64 0.16
CA LEU A 348 25.09 21.39 -0.03
C LEU A 348 25.79 21.54 1.31
N GLN A 349 27.04 21.06 1.37
CA GLN A 349 27.79 21.13 2.62
C GLN A 349 27.98 22.57 3.07
N ASN A 350 28.07 23.51 2.13
CA ASN A 350 28.29 24.91 2.45
C ASN A 350 27.00 25.71 2.53
N THR A 351 25.83 25.06 2.47
CA THR A 351 24.55 25.75 2.64
C THR A 351 23.72 25.17 3.77
N VAL A 352 24.29 24.27 4.57
CA VAL A 352 23.52 23.68 5.68
C VAL A 352 23.18 24.76 6.71
N ASN A 353 24.14 25.62 7.04
CA ASN A 353 23.88 26.68 8.02
C ASN A 353 22.82 27.65 7.52
N ASP A 354 22.86 27.99 6.23
CA ASP A 354 21.84 28.88 5.68
C ASP A 354 20.47 28.21 5.64
N PHE A 355 20.43 26.89 5.47
CA PHE A 355 19.16 26.18 5.49
C PHE A 355 18.48 26.31 6.85
N TRP A 356 19.25 26.14 7.93
CA TRP A 356 18.68 26.26 9.26
C TRP A 356 18.36 27.70 9.62
N ARG A 357 19.15 28.65 9.11
CA ARG A 357 18.78 30.05 9.25
C ARG A 357 17.43 30.32 8.60
N MET A 358 17.18 29.71 7.44
CA MET A 358 15.90 29.87 6.76
C MET A 358 14.76 29.27 7.58
N VAL A 359 14.95 28.03 8.05
CA VAL A 359 13.92 27.36 8.83
C VAL A 359 13.58 28.15 10.08
N PHE A 360 14.61 28.66 10.76
CA PHE A 360 14.39 29.46 11.96
C PHE A 360 13.69 30.77 11.64
N GLN A 361 14.18 31.49 10.64
CA GLN A 361 13.66 32.82 10.33
C GLN A 361 12.20 32.75 9.90
N GLU A 362 11.85 31.81 9.03
CA GLU A 362 10.50 31.69 8.51
C GLU A 362 9.55 30.96 9.45
N ASN A 363 10.01 30.57 10.64
CA ASN A 363 9.18 29.90 11.64
C ASN A 363 8.60 28.58 11.12
N SER A 364 9.33 27.93 10.22
CA SER A 364 8.89 26.65 9.69
C SER A 364 8.97 25.57 10.76
N ARG A 365 7.92 24.76 10.85
CA ARG A 365 7.85 23.68 11.82
C ARG A 365 7.80 22.30 11.20
N VAL A 366 7.71 22.21 9.87
CA VAL A 366 7.62 20.94 9.17
C VAL A 366 8.52 20.99 7.94
N ILE A 367 9.38 19.98 7.78
CA ILE A 367 10.24 19.84 6.60
C ILE A 367 9.84 18.56 5.89
N VAL A 368 9.64 18.66 4.58
CA VAL A 368 9.32 17.51 3.74
C VAL A 368 10.49 17.28 2.79
N MET A 369 11.14 16.13 2.92
CA MET A 369 12.28 15.76 2.08
C MET A 369 11.88 14.54 1.26
N THR A 370 11.88 14.69 -0.05
CA THR A 370 11.36 13.69 -0.98
C THR A 370 12.47 13.04 -1.81
N THR A 371 13.60 12.76 -1.17
CA THR A 371 14.72 12.13 -1.84
CA THR A 371 14.73 12.14 -1.85
C THR A 371 15.61 11.47 -0.81
N LYS A 372 16.29 10.40 -1.23
CA LYS A 372 17.34 9.85 -0.40
C LYS A 372 18.56 10.76 -0.46
N GLU A 373 19.49 10.56 0.47
CA GLU A 373 20.73 11.31 0.41
C GLU A 373 21.52 10.96 -0.84
N VAL A 374 21.52 9.68 -1.22
CA VAL A 374 22.17 9.21 -2.44
C VAL A 374 21.15 8.39 -3.22
N GLU A 375 21.05 8.66 -4.52
CA GLU A 375 20.17 7.89 -5.40
C GLU A 375 20.92 7.57 -6.68
N ARG A 376 21.02 6.27 -7.00
CA ARG A 376 21.72 5.80 -8.19
C ARG A 376 23.16 6.29 -8.22
N GLY A 377 23.82 6.23 -7.06
CA GLY A 377 25.22 6.62 -6.98
C GLY A 377 25.49 8.10 -7.08
N LYS A 378 24.46 8.94 -7.07
CA LYS A 378 24.62 10.38 -7.17
C LYS A 378 24.14 11.04 -5.89
N SER A 379 24.92 12.00 -5.40
CA SER A 379 24.57 12.73 -4.18
C SER A 379 23.47 13.74 -4.50
N LYS A 380 22.33 13.62 -3.80
CA LYS A 380 21.19 14.50 -4.01
C LYS A 380 20.99 15.49 -2.89
N CYS A 381 21.47 15.21 -1.69
CA CYS A 381 21.28 16.08 -0.53
C CYS A 381 22.21 15.65 0.60
N VAL A 382 22.99 16.58 1.14
CA VAL A 382 23.87 16.27 2.25
C VAL A 382 23.04 16.13 3.52
N LYS A 383 23.55 15.32 4.45
CA LYS A 383 22.87 15.08 5.72
C LYS A 383 22.93 16.35 6.56
N TYR A 384 21.82 17.07 6.64
CA TYR A 384 21.75 18.34 7.36
C TYR A 384 21.13 18.20 8.74
N TRP A 385 20.84 16.98 9.17
CA TRP A 385 20.28 16.71 10.49
C TRP A 385 21.23 15.84 11.30
N PRO A 386 21.21 15.93 12.62
CA PRO A 386 22.06 15.07 13.43
C PRO A 386 21.52 13.64 13.50
N ASP A 387 22.39 12.73 13.90
CA ASP A 387 21.97 11.38 14.20
C ASP A 387 20.96 11.40 15.35
N GLU A 388 20.20 10.31 15.47
CA GLU A 388 19.20 10.22 16.52
C GLU A 388 19.86 10.37 17.89
N TYR A 389 19.23 11.18 18.75
CA TYR A 389 19.66 11.51 20.10
C TYR A 389 20.90 12.41 20.14
N ALA A 390 21.41 12.84 18.98
CA ALA A 390 22.60 13.67 18.93
C ALA A 390 22.22 15.14 18.83
N LEU A 391 23.20 15.99 19.14
CA LEU A 391 23.04 17.44 19.11
C LEU A 391 24.17 18.05 18.29
N LYS A 392 23.82 18.95 17.38
CA LYS A 392 24.79 19.59 16.51
C LYS A 392 24.52 21.09 16.45
N GLU A 393 25.59 21.86 16.25
CA GLU A 393 25.50 23.29 16.03
C GLU A 393 25.84 23.57 14.57
N TYR A 394 24.89 24.15 13.84
CA TYR A 394 25.08 24.54 12.44
C TYR A 394 25.17 26.06 12.41
N GLY A 395 26.39 26.57 12.53
CA GLY A 395 26.56 28.01 12.65
C GLY A 395 25.97 28.49 13.96
N VAL A 396 25.12 29.52 13.88
CA VAL A 396 24.45 30.04 15.06
C VAL A 396 23.24 29.22 15.47
N MET A 397 22.90 28.19 14.71
CA MET A 397 21.70 27.40 14.96
C MET A 397 22.08 26.06 15.57
N ARG A 398 21.27 25.62 16.54
CA ARG A 398 21.50 24.39 17.29
C ARG A 398 20.32 23.44 17.07
N VAL A 399 20.62 22.20 16.68
CA VAL A 399 19.59 21.23 16.33
C VAL A 399 19.84 19.95 17.11
N ARG A 400 18.81 19.49 17.82
CA ARG A 400 18.82 18.19 18.50
C ARG A 400 17.86 17.26 17.79
N ASN A 401 18.30 16.03 17.52
CA ASN A 401 17.43 14.98 17.00
C ASN A 401 16.85 14.24 18.19
N VAL A 402 15.60 14.55 18.53
CA VAL A 402 15.00 13.99 19.75
C VAL A 402 14.63 12.52 19.56
N LYS A 403 13.95 12.20 18.46
CA LYS A 403 13.47 10.85 18.25
C LYS A 403 13.19 10.65 16.77
N GLU A 404 13.46 9.43 16.30
CA GLU A 404 13.14 9.04 14.93
C GLU A 404 12.09 7.94 14.95
N SER A 405 11.12 8.04 14.05
CA SER A 405 10.05 7.06 13.91
C SER A 405 9.99 6.62 12.46
N ALA A 406 10.14 5.32 12.23
CA ALA A 406 10.26 4.79 10.87
C ALA A 406 8.95 4.12 10.46
N ALA A 407 8.35 4.65 9.39
CA ALA A 407 7.27 3.96 8.69
C ALA A 407 7.86 3.30 7.45
N HIS A 408 6.99 2.66 6.66
CA HIS A 408 7.48 2.01 5.44
C HIS A 408 7.90 3.05 4.40
N ASP A 409 7.04 4.04 4.15
CA ASP A 409 7.31 5.02 3.11
C ASP A 409 8.23 6.15 3.56
N TYR A 410 8.30 6.43 4.85
CA TYR A 410 9.02 7.62 5.30
C TYR A 410 9.54 7.42 6.72
N THR A 411 10.49 8.29 7.09
CA THR A 411 11.00 8.38 8.45
C THR A 411 10.68 9.77 8.98
N LEU A 412 10.18 9.83 10.22
CA LEU A 412 9.91 11.10 10.89
C LEU A 412 10.99 11.37 11.92
N ARG A 413 11.58 12.56 11.86
CA ARG A 413 12.61 12.98 12.80
C ARG A 413 12.12 14.20 13.55
N GLU A 414 11.97 14.07 14.86
CA GLU A 414 11.55 15.17 15.72
C GLU A 414 12.79 15.96 16.13
N LEU A 415 12.92 17.19 15.62
CA LEU A 415 14.09 18.02 15.85
C LEU A 415 13.71 19.26 16.65
N LYS A 416 14.56 19.64 17.60
CA LYS A 416 14.46 20.92 18.29
C LYS A 416 15.47 21.87 17.67
N LEU A 417 14.98 23.01 17.18
CA LEU A 417 15.82 24.04 16.58
C LEU A 417 15.82 25.27 17.49
N SER A 418 17.01 25.79 17.77
CA SER A 418 17.13 26.99 18.59
C SER A 418 18.40 27.73 18.20
N LYS A 419 18.44 29.01 18.52
CA LYS A 419 19.62 29.83 18.32
C LYS A 419 20.57 29.67 19.50
N VAL A 420 21.86 29.51 19.20
CA VAL A 420 22.84 29.36 20.27
C VAL A 420 22.88 30.64 21.10
N GLY A 421 23.06 30.47 22.41
CA GLY A 421 23.08 31.58 23.33
C GLY A 421 21.72 32.09 23.77
N GLN A 422 20.63 31.52 23.24
CA GLN A 422 19.28 31.98 23.56
C GLN A 422 18.40 30.76 23.81
N GLY A 423 18.21 30.40 25.08
CA GLY A 423 17.40 29.27 25.45
C GLY A 423 15.90 29.48 25.36
N ASN A 424 15.47 30.62 24.83
CA ASN A 424 14.04 30.94 24.70
C ASN A 424 13.56 30.88 23.26
N THR A 425 14.40 30.43 22.33
CA THR A 425 14.04 30.40 20.92
C THR A 425 13.72 29.00 20.41
N GLU A 426 13.69 28.00 21.29
CA GLU A 426 13.52 26.63 20.85
C GLU A 426 12.12 26.39 20.29
N ARG A 427 12.07 25.62 19.20
CA ARG A 427 10.80 25.17 18.64
C ARG A 427 11.03 23.82 17.97
N THR A 428 9.99 23.00 17.93
CA THR A 428 10.09 21.67 17.35
C THR A 428 9.89 21.74 15.85
N VAL A 429 10.79 21.10 15.10
CA VAL A 429 10.70 21.01 13.65
C VAL A 429 10.58 19.53 13.30
N TRP A 430 9.50 19.18 12.59
CA TRP A 430 9.20 17.80 12.24
C TRP A 430 9.64 17.56 10.80
N GLN A 431 10.64 16.71 10.62
CA GLN A 431 11.18 16.39 9.31
C GLN A 431 10.58 15.07 8.82
N TYR A 432 9.82 15.13 7.73
CA TYR A 432 9.22 13.96 7.11
C TYR A 432 10.05 13.59 5.89
N HIS A 433 10.78 12.49 5.98
CA HIS A 433 11.75 12.08 4.96
C HIS A 433 11.14 10.93 4.16
N PHE A 434 10.55 11.25 3.01
CA PHE A 434 9.99 10.24 2.13
C PHE A 434 11.11 9.42 1.50
N ARG A 435 11.02 8.10 1.61
CA ARG A 435 12.12 7.21 1.27
C ARG A 435 11.89 6.34 0.05
N THR A 436 10.64 6.19 -0.41
CA THR A 436 10.30 5.16 -1.38
C THR A 436 9.95 5.72 -2.76
N TRP A 437 10.28 6.97 -3.04
CA TRP A 437 10.09 7.48 -4.38
C TRP A 437 11.03 6.74 -5.32
N PRO A 438 10.53 6.18 -6.42
CA PRO A 438 11.36 5.29 -7.24
C PRO A 438 12.51 6.06 -7.91
N ASP A 439 13.55 5.30 -8.24
CA ASP A 439 14.68 5.87 -8.97
C ASP A 439 14.26 6.36 -10.35
N HIS A 440 13.31 5.66 -10.98
CA HIS A 440 12.85 6.00 -12.32
C HIS A 440 11.38 6.39 -12.28
N GLY A 441 11.06 7.54 -12.87
CA GLY A 441 9.68 7.98 -13.01
C GLY A 441 8.97 8.37 -11.73
N VAL A 442 7.73 7.92 -11.59
CA VAL A 442 6.88 8.27 -10.46
C VAL A 442 6.34 6.98 -9.85
N PRO A 443 5.83 7.05 -8.61
CA PRO A 443 5.23 5.86 -8.01
C PRO A 443 4.08 5.34 -8.85
N SER A 444 3.95 4.00 -8.90
CA SER A 444 2.86 3.39 -9.64
C SER A 444 1.54 3.58 -8.92
N ASP A 445 1.55 3.73 -7.60
CA ASP A 445 0.35 3.94 -6.82
C ASP A 445 0.56 5.17 -5.95
N PRO A 446 -0.39 6.09 -5.88
CA PRO A 446 -0.21 7.32 -5.10
C PRO A 446 -0.58 7.19 -3.63
N GLY A 447 -0.96 5.99 -3.19
CA GLY A 447 -1.42 5.83 -1.81
C GLY A 447 -0.35 6.16 -0.79
N GLY A 448 0.91 5.81 -1.08
CA GLY A 448 1.98 6.16 -0.16
C GLY A 448 2.19 7.65 -0.05
N VAL A 449 2.13 8.35 -1.17
CA VAL A 449 2.30 9.80 -1.15
C VAL A 449 1.13 10.48 -0.46
N LEU A 450 -0.09 9.98 -0.69
CA LEU A 450 -1.28 10.62 -0.11
C LEU A 450 -1.33 10.44 1.40
N ASP A 451 -1.07 9.23 1.89
CA ASP A 451 -1.00 9.02 3.33
C ASP A 451 0.12 9.85 3.95
N PHE A 452 1.21 10.02 3.21
CA PHE A 452 2.32 10.85 3.68
C PHE A 452 1.89 12.31 3.81
N LEU A 453 1.27 12.86 2.77
CA LEU A 453 0.86 14.25 2.80
C LEU A 453 -0.25 14.49 3.83
N GLU A 454 -1.15 13.52 4.00
CA GLU A 454 -2.20 13.65 5.01
C GLU A 454 -1.59 13.77 6.41
N GLU A 455 -0.57 12.97 6.70
CA GLU A 455 0.11 13.07 7.98
C GLU A 455 0.82 14.42 8.13
N VAL A 456 1.46 14.89 7.06
CA VAL A 456 2.15 16.18 7.09
C VAL A 456 1.16 17.31 7.30
N HIS A 457 0.00 17.24 6.65
CA HIS A 457 -1.00 18.29 6.77
C HIS A 457 -1.50 18.40 8.22
N HIS A 458 -1.76 17.26 8.86
CA HIS A 458 -2.32 17.30 10.21
C HIS A 458 -1.28 17.75 11.23
N LYS A 459 -0.02 17.35 11.05
CA LYS A 459 1.04 17.87 11.90
C LYS A 459 1.13 19.38 11.81
N GLN A 460 1.10 19.91 10.58
CA GLN A 460 1.16 21.36 10.38
C GLN A 460 -0.06 22.05 10.98
N GLU A 461 -1.24 21.48 10.78
CA GLU A 461 -2.46 22.12 11.28
C GLU A 461 -2.51 22.13 12.80
N SER A 462 -1.86 21.15 13.45
CA SER A 462 -1.88 21.06 14.91
C SER A 462 -0.94 22.05 15.59
N ILE A 463 -0.10 22.75 14.83
CA ILE A 463 0.88 23.69 15.38
C ILE A 463 0.38 25.09 15.10
N MET A 464 0.09 25.84 16.17
CA MET A 464 -0.46 27.17 16.02
C MET A 464 0.59 28.14 15.47
N ASP A 465 0.17 28.96 14.51
CA ASP A 465 1.01 29.98 13.88
C ASP A 465 2.29 29.41 13.31
N ALA A 466 2.25 28.17 12.84
CA ALA A 466 3.39 27.57 12.19
C ALA A 466 3.67 28.27 10.86
N GLY A 467 4.94 28.35 10.50
CA GLY A 467 5.35 28.98 9.27
C GLY A 467 5.12 28.07 8.07
N PRO A 468 5.66 28.45 6.92
CA PRO A 468 5.51 27.62 5.71
C PRO A 468 6.16 26.26 5.87
N VAL A 469 5.64 25.29 5.12
CA VAL A 469 6.18 23.94 5.11
C VAL A 469 7.33 23.88 4.11
N VAL A 470 8.50 23.47 4.57
CA VAL A 470 9.68 23.37 3.71
C VAL A 470 9.64 22.05 2.96
N VAL A 471 9.74 22.12 1.64
CA VAL A 471 9.75 20.94 0.77
C VAL A 471 10.98 21.02 -0.11
N HIS A 472 11.70 19.89 -0.24
CA HIS A 472 12.88 19.87 -1.07
C HIS A 472 13.14 18.46 -1.57
N CYS A 473 13.80 18.39 -2.73
CA CYS A 473 14.32 17.13 -3.26
C CYS A 473 15.79 17.30 -3.59
N SER A 474 16.14 17.23 -4.87
CA SER A 474 17.51 17.51 -5.30
C SER A 474 17.61 18.94 -5.82
N ALA A 475 17.03 19.19 -6.99
CA ALA A 475 16.97 20.54 -7.53
C ALA A 475 15.82 21.35 -6.95
N GLY A 476 14.84 20.70 -6.36
CA GLY A 476 13.74 21.41 -5.71
C GLY A 476 12.67 21.94 -6.64
N ILE A 477 12.48 21.30 -7.79
CA ILE A 477 11.49 21.78 -8.75
C ILE A 477 10.62 20.62 -9.24
N GLY A 478 11.21 19.44 -9.39
CA GLY A 478 10.50 18.30 -9.95
C GLY A 478 9.62 17.59 -8.95
N ARG A 479 10.21 16.69 -8.16
CA ARG A 479 9.47 16.02 -7.10
C ARG A 479 8.88 17.04 -6.13
N THR A 480 9.64 18.09 -5.81
CA THR A 480 9.16 19.11 -4.90
C THR A 480 7.89 19.78 -5.43
N GLY A 481 7.91 20.19 -6.70
CA GLY A 481 6.72 20.79 -7.28
C GLY A 481 5.55 19.82 -7.33
N THR A 482 5.83 18.54 -7.58
CA THR A 482 4.76 17.55 -7.64
C THR A 482 4.09 17.38 -6.28
N PHE A 483 4.90 17.25 -5.22
CA PHE A 483 4.34 17.12 -3.87
C PHE A 483 3.54 18.35 -3.48
N ILE A 484 4.06 19.55 -3.79
CA ILE A 484 3.40 20.78 -3.40
C ILE A 484 2.07 20.95 -4.14
N VAL A 485 2.07 20.65 -5.44
CA VAL A 485 0.84 20.82 -6.23
C VAL A 485 -0.24 19.85 -5.76
N ILE A 486 0.13 18.60 -5.51
CA ILE A 486 -0.83 17.63 -4.97
C ILE A 486 -1.39 18.13 -3.65
N ASP A 487 -0.52 18.62 -2.76
CA ASP A 487 -0.96 19.10 -1.47
C ASP A 487 -1.92 20.28 -1.60
N ILE A 488 -1.67 21.17 -2.57
CA ILE A 488 -2.56 22.30 -2.79
C ILE A 488 -3.93 21.81 -3.23
N LEU A 489 -3.96 20.90 -4.20
CA LEU A 489 -5.24 20.42 -4.73
C LEU A 489 -6.00 19.60 -3.69
N ILE A 490 -5.28 18.79 -2.91
CA ILE A 490 -5.94 17.95 -1.91
C ILE A 490 -6.53 18.82 -0.80
N ASP A 491 -5.85 19.92 -0.44
CA ASP A 491 -6.36 20.80 0.61
C ASP A 491 -7.69 21.42 0.19
N ILE A 492 -7.86 21.73 -1.10
CA ILE A 492 -9.13 22.25 -1.58
C ILE A 492 -10.22 21.20 -1.40
N ILE A 493 -9.92 19.96 -1.78
CA ILE A 493 -10.90 18.89 -1.67
C ILE A 493 -11.18 18.54 -0.21
N ARG A 494 -10.15 18.63 0.64
CA ARG A 494 -10.33 18.25 2.04
C ARG A 494 -11.33 19.16 2.74
N GLU A 495 -11.36 20.45 2.37
CA GLU A 495 -12.26 21.39 3.00
C GLU A 495 -13.57 21.56 2.25
N LYS A 496 -13.62 21.20 0.97
CA LYS A 496 -14.81 21.40 0.15
C LYS A 496 -15.45 20.12 -0.36
N GLY A 497 -14.83 18.97 -0.11
CA GLY A 497 -15.42 17.73 -0.59
C GLY A 497 -15.40 17.65 -2.12
N VAL A 498 -16.43 16.99 -2.67
CA VAL A 498 -16.54 16.80 -4.11
C VAL A 498 -17.11 18.02 -4.82
N ASP A 499 -17.68 18.97 -4.09
CA ASP A 499 -18.30 20.14 -4.70
C ASP A 499 -17.31 21.31 -4.71
N CYS A 500 -16.34 21.20 -5.61
CA CYS A 500 -15.33 22.24 -5.75
C CYS A 500 -14.70 22.13 -7.14
N ASP A 501 -14.30 23.28 -7.68
CA ASP A 501 -13.58 23.32 -8.94
C ASP A 501 -12.09 23.18 -8.67
N ILE A 502 -11.43 22.30 -9.43
CA ILE A 502 -9.98 22.22 -9.44
C ILE A 502 -9.51 22.28 -10.88
N ASP A 503 -8.33 22.88 -11.08
CA ASP A 503 -7.77 23.12 -12.41
C ASP A 503 -6.27 22.82 -12.29
N VAL A 504 -5.89 21.59 -12.65
CA VAL A 504 -4.50 21.17 -12.45
C VAL A 504 -3.52 22.05 -13.20
N PRO A 505 -3.64 22.30 -14.51
CA PRO A 505 -2.65 23.15 -15.17
C PRO A 505 -2.64 24.58 -14.67
N LYS A 506 -3.79 25.13 -14.29
CA LYS A 506 -3.81 26.47 -13.72
C LYS A 506 -3.06 26.52 -12.39
N THR A 507 -3.24 25.50 -11.55
CA THR A 507 -2.52 25.46 -10.28
C THR A 507 -1.02 25.32 -10.49
N ILE A 508 -0.61 24.51 -11.47
CA ILE A 508 0.80 24.33 -11.74
C ILE A 508 1.41 25.62 -12.30
N GLN A 509 0.69 26.30 -13.20
CA GLN A 509 1.17 27.56 -13.75
C GLN A 509 1.32 28.62 -12.66
N MET A 510 0.38 28.67 -11.71
CA MET A 510 0.49 29.60 -10.61
C MET A 510 1.69 29.28 -9.73
N VAL A 511 1.94 27.99 -9.49
CA VAL A 511 3.11 27.59 -8.71
C VAL A 511 4.39 27.85 -9.50
N ARG A 512 4.36 27.61 -10.81
CA ARG A 512 5.53 27.86 -11.65
C ARG A 512 5.89 29.33 -11.73
N SER A 513 4.93 30.23 -11.48
CA SER A 513 5.24 31.65 -11.44
C SER A 513 6.05 32.04 -10.23
N GLN A 514 6.24 31.13 -9.27
CA GLN A 514 6.96 31.43 -8.03
C GLN A 514 8.26 30.65 -7.89
N ARG A 515 8.45 29.58 -8.66
CA ARG A 515 9.73 28.90 -8.75
C ARG A 515 9.84 28.24 -10.12
N SER A 516 11.02 28.33 -10.72
CA SER A 516 11.21 27.87 -12.09
C SER A 516 10.92 26.38 -12.22
N GLY A 517 10.08 26.02 -13.19
CA GLY A 517 9.91 24.65 -13.59
C GLY A 517 9.32 23.71 -12.57
N MET A 518 8.46 24.20 -11.67
CA MET A 518 7.79 23.31 -10.74
C MET A 518 6.90 22.33 -11.49
N VAL A 519 7.04 21.04 -11.15
CA VAL A 519 6.53 19.92 -11.93
C VAL A 519 7.28 19.86 -13.25
N GLN A 520 8.07 18.80 -13.45
CA GLN A 520 9.03 18.72 -14.54
C GLN A 520 8.55 17.91 -15.74
N THR A 521 7.85 16.81 -15.53
CA THR A 521 7.59 15.85 -16.59
C THR A 521 6.10 15.57 -16.71
N GLU A 522 5.74 14.97 -17.86
CA GLU A 522 4.36 14.53 -18.06
C GLU A 522 4.00 13.37 -17.14
N ALA A 523 4.98 12.53 -16.79
CA ALA A 523 4.73 11.46 -15.84
C ALA A 523 4.30 12.02 -14.48
N GLN A 524 4.97 13.09 -14.04
CA GLN A 524 4.53 13.77 -12.82
C GLN A 524 3.19 14.43 -13.00
N TYR A 525 2.94 14.99 -14.19
CA TYR A 525 1.63 15.57 -14.49
C TYR A 525 0.52 14.54 -14.35
N ARG A 526 0.73 13.36 -14.94
CA ARG A 526 -0.26 12.29 -14.82
C ARG A 526 -0.37 11.81 -13.38
N PHE A 527 0.75 11.78 -12.66
CA PHE A 527 0.73 11.33 -11.27
C PHE A 527 -0.10 12.26 -10.40
N ILE A 528 -0.05 13.56 -10.68
CA ILE A 528 -0.84 14.52 -9.92
C ILE A 528 -2.33 14.24 -10.12
N TYR A 529 -2.73 14.02 -11.37
CA TYR A 529 -4.13 13.67 -11.65
C TYR A 529 -4.55 12.40 -10.93
N MET A 530 -3.67 11.39 -10.92
CA MET A 530 -4.02 10.11 -10.33
C MET A 530 -4.09 10.21 -8.81
N ALA A 531 -3.21 11.00 -8.20
CA ALA A 531 -3.26 11.19 -6.76
C ALA A 531 -4.52 11.93 -6.33
N VAL A 532 -4.92 12.95 -7.09
CA VAL A 532 -6.16 13.66 -6.80
C VAL A 532 -7.36 12.73 -6.99
N GLN A 533 -7.34 11.93 -8.05
CA GLN A 533 -8.42 10.97 -8.28
C GLN A 533 -8.50 9.96 -7.14
N HIS A 534 -7.35 9.44 -6.71
CA HIS A 534 -7.35 8.46 -5.62
CA HIS A 534 -7.33 8.47 -5.62
C HIS A 534 -7.84 9.10 -4.32
N TYR A 535 -7.45 10.36 -4.06
CA TYR A 535 -7.89 11.02 -2.83
C TYR A 535 -9.40 11.22 -2.82
N ILE A 536 -9.98 11.59 -3.97
CA ILE A 536 -11.42 11.78 -4.05
C ILE A 536 -12.16 10.46 -3.83
N GLU A 537 -11.64 9.38 -4.43
CA GLU A 537 -12.32 8.09 -4.36
C GLU A 537 -12.40 7.53 -2.94
N THR A 538 -11.54 8.00 -2.03
CA THR A 538 -11.54 7.53 -0.66
C THR A 538 -12.20 8.51 0.31
N LEU A 539 -12.99 9.45 -0.21
CA LEU A 539 -13.69 10.40 0.64
C LEU A 539 -14.85 9.73 1.37
N SER B 17 0.71 -31.63 26.51
CA SER B 17 -0.05 -31.08 27.63
C SER B 17 -0.14 -29.56 27.56
N ARG B 18 -1.37 -29.05 27.69
CA ARG B 18 -1.63 -27.61 27.69
C ARG B 18 -2.34 -27.19 28.98
N ARG B 19 -2.02 -27.86 30.09
CA ARG B 19 -2.72 -27.63 31.34
C ARG B 19 -2.42 -26.27 31.96
N TRP B 20 -1.43 -25.54 31.46
CA TRP B 20 -1.10 -24.23 32.00
C TRP B 20 -2.07 -23.14 31.56
N PHE B 21 -3.04 -23.45 30.71
CA PHE B 21 -4.03 -22.48 30.26
C PHE B 21 -5.30 -22.66 31.08
N HIS B 22 -5.75 -21.58 31.72
CA HIS B 22 -6.97 -21.60 32.52
C HIS B 22 -8.03 -20.77 31.83
N PRO B 23 -9.06 -21.37 31.24
CA PRO B 23 -10.01 -20.58 30.44
C PRO B 23 -10.99 -19.76 31.27
N ASN B 24 -11.29 -20.20 32.50
CA ASN B 24 -12.33 -19.59 33.30
C ASN B 24 -11.79 -18.81 34.50
N ILE B 25 -10.49 -18.59 34.57
CA ILE B 25 -9.89 -17.91 35.72
C ILE B 25 -9.90 -16.41 35.48
N THR B 26 -9.91 -15.65 36.58
CA THR B 26 -9.82 -14.20 36.54
C THR B 26 -8.42 -13.76 36.96
N GLY B 27 -8.16 -12.46 36.83
CA GLY B 27 -6.87 -11.93 37.20
C GLY B 27 -6.60 -12.09 38.70
N VAL B 28 -7.61 -11.89 39.52
CA VAL B 28 -7.46 -12.04 40.97
C VAL B 28 -7.19 -13.50 41.32
N GLU B 29 -7.99 -14.41 40.77
CA GLU B 29 -7.80 -15.82 41.06
C GLU B 29 -6.47 -16.34 40.55
N ALA B 30 -5.98 -15.79 39.44
CA ALA B 30 -4.66 -16.19 38.94
C ALA B 30 -3.56 -15.74 39.89
N GLU B 31 -3.70 -14.56 40.50
CA GLU B 31 -2.72 -14.09 41.47
C GLU B 31 -2.70 -14.98 42.70
N ASN B 32 -3.89 -15.31 43.23
CA ASN B 32 -3.96 -16.13 44.44
C ASN B 32 -3.47 -17.55 44.17
N LEU B 33 -3.76 -18.09 42.99
CA LEU B 33 -3.32 -19.44 42.66
C LEU B 33 -1.79 -19.52 42.64
N LEU B 34 -1.14 -18.58 41.96
CA LEU B 34 0.32 -18.59 41.89
C LEU B 34 0.96 -18.28 43.23
N LEU B 35 0.30 -17.48 44.08
CA LEU B 35 0.90 -17.10 45.35
C LEU B 35 0.70 -18.14 46.43
N THR B 36 -0.43 -18.85 46.42
CA THR B 36 -0.74 -19.83 47.46
C THR B 36 -0.35 -21.25 47.08
N ARG B 37 -0.35 -21.59 45.78
CA ARG B 37 -0.02 -22.94 45.35
C ARG B 37 1.13 -23.01 44.35
N GLY B 38 1.63 -21.88 43.87
CA GLY B 38 2.78 -21.85 43.01
C GLY B 38 4.05 -21.43 43.75
N VAL B 39 5.16 -21.46 43.03
CA VAL B 39 6.46 -21.05 43.53
C VAL B 39 7.10 -20.13 42.49
N ASP B 40 8.29 -19.63 42.83
CA ASP B 40 9.03 -18.80 41.88
C ASP B 40 9.33 -19.60 40.62
N GLY B 41 8.85 -19.09 39.49
CA GLY B 41 8.93 -19.81 38.23
C GLY B 41 7.62 -20.40 37.77
N SER B 42 6.61 -20.44 38.63
CA SER B 42 5.30 -20.94 38.23
C SER B 42 4.61 -19.95 37.32
N PHE B 43 3.83 -20.47 36.37
CA PHE B 43 3.18 -19.62 35.38
C PHE B 43 1.88 -20.25 34.92
N LEU B 44 1.01 -19.41 34.37
CA LEU B 44 -0.20 -19.86 33.71
C LEU B 44 -0.57 -18.83 32.65
N ALA B 45 -1.46 -19.23 31.74
CA ALA B 45 -2.02 -18.35 30.74
C ALA B 45 -3.54 -18.34 30.86
N ARG B 46 -4.15 -17.21 30.51
CA ARG B 46 -5.58 -17.04 30.71
C ARG B 46 -6.11 -16.05 29.68
N PRO B 47 -7.37 -16.18 29.28
CA PRO B 47 -7.97 -15.17 28.40
C PRO B 47 -8.54 -14.01 29.20
N SER B 48 -8.84 -12.94 28.48
CA SER B 48 -9.44 -11.77 29.12
C SER B 48 -10.95 -11.91 29.20
N ASN B 51 -12.57 -8.94 26.54
CA ASN B 51 -11.82 -8.47 25.38
C ASN B 51 -11.47 -9.63 24.46
N PRO B 52 -11.85 -9.51 23.18
CA PRO B 52 -11.53 -10.57 22.22
C PRO B 52 -10.06 -10.56 21.85
N GLY B 53 -9.48 -11.75 21.79
CA GLY B 53 -8.10 -11.90 21.38
C GLY B 53 -7.07 -11.46 22.39
N ASP B 54 -7.48 -11.13 23.61
CA ASP B 54 -6.56 -10.70 24.66
C ASP B 54 -6.28 -11.86 25.61
N PHE B 55 -5.00 -12.10 25.88
CA PHE B 55 -4.60 -13.14 26.80
C PHE B 55 -3.53 -12.58 27.73
N THR B 56 -3.31 -13.27 28.85
CA THR B 56 -2.34 -12.83 29.84
C THR B 56 -1.49 -14.02 30.29
N LEU B 57 -0.17 -13.80 30.32
CA LEU B 57 0.77 -14.77 30.87
C LEU B 57 1.15 -14.30 32.27
N SER B 58 0.65 -15.00 33.29
CA SER B 58 0.88 -14.65 34.68
C SER B 58 2.02 -15.50 35.23
N VAL B 59 3.10 -14.85 35.64
CA VAL B 59 4.31 -15.53 36.12
C VAL B 59 4.61 -15.06 37.53
N ARG B 60 5.08 -16.00 38.36
CA ARG B 60 5.57 -15.68 39.69
C ARG B 60 7.08 -15.62 39.68
N ARG B 61 7.64 -14.50 40.13
CA ARG B 61 9.08 -14.33 40.22
C ARG B 61 9.44 -13.56 41.47
N ASN B 62 10.40 -14.08 42.23
CA ASN B 62 10.88 -13.46 43.47
C ASN B 62 9.73 -13.06 44.40
N GLY B 63 8.74 -13.94 44.51
CA GLY B 63 7.64 -13.74 45.43
C GLY B 63 6.51 -12.87 44.94
N ALA B 64 6.61 -12.29 43.75
CA ALA B 64 5.59 -11.43 43.20
C ALA B 64 5.06 -12.01 41.88
N VAL B 65 3.89 -11.53 41.48
CA VAL B 65 3.20 -12.01 40.27
C VAL B 65 3.29 -10.93 39.20
N THR B 66 3.77 -11.30 38.03
CA THR B 66 3.86 -10.41 36.88
C THR B 66 2.85 -10.84 35.82
N HIS B 67 2.12 -9.88 35.27
CA HIS B 67 1.12 -10.13 34.24
C HIS B 67 1.59 -9.52 32.93
N ILE B 68 1.85 -10.37 31.94
CA ILE B 68 2.34 -9.95 30.62
C ILE B 68 1.20 -10.12 29.63
N LYS B 69 0.93 -9.06 28.87
CA LYS B 69 -0.21 -9.07 27.95
C LYS B 69 0.15 -9.75 26.64
N ILE B 70 -0.79 -10.51 26.10
CA ILE B 70 -0.69 -11.13 24.78
C ILE B 70 -1.87 -10.64 23.95
N GLN B 71 -1.59 -10.09 22.78
CA GLN B 71 -2.60 -9.52 21.91
C GLN B 71 -2.61 -10.27 20.57
N ASN B 72 -3.81 -10.59 20.10
CA ASN B 72 -3.98 -11.24 18.80
C ASN B 72 -5.19 -10.63 18.11
N THR B 73 -4.93 -9.81 17.09
CA THR B 73 -5.99 -9.25 16.27
C THR B 73 -6.34 -10.13 15.08
N GLY B 74 -5.62 -11.23 14.88
CA GLY B 74 -5.92 -12.14 13.79
C GLY B 74 -4.71 -12.65 13.04
N ASP B 75 -3.53 -12.10 13.34
CA ASP B 75 -2.31 -12.44 12.61
C ASP B 75 -1.34 -13.31 13.39
N TYR B 76 -1.20 -13.08 14.70
CA TYR B 76 -0.24 -13.80 15.52
C TYR B 76 -0.48 -13.43 16.98
N TYR B 77 0.09 -14.22 17.88
CA TYR B 77 0.05 -13.93 19.30
C TYR B 77 1.21 -13.00 19.64
N ASP B 78 0.91 -11.73 19.90
CA ASP B 78 1.91 -10.70 20.15
C ASP B 78 2.13 -10.61 21.66
N LEU B 79 3.22 -11.21 22.14
CA LEU B 79 3.56 -11.13 23.55
C LEU B 79 4.33 -9.85 23.80
N TYR B 80 3.78 -8.98 24.64
CA TYR B 80 4.37 -7.67 24.88
C TYR B 80 5.71 -7.84 25.60
N GLY B 81 6.75 -7.20 25.07
CA GLY B 81 8.09 -7.41 25.58
C GLY B 81 8.73 -8.72 25.16
N GLY B 82 8.12 -9.43 24.21
CA GLY B 82 8.66 -10.68 23.72
C GLY B 82 8.61 -10.77 22.21
N GLU B 83 8.29 -11.96 21.69
CA GLU B 83 8.20 -12.20 20.26
C GLU B 83 6.76 -12.47 19.85
N LYS B 84 6.57 -12.66 18.55
CA LYS B 84 5.27 -13.03 18.00
C LYS B 84 5.28 -14.53 17.70
N PHE B 85 4.16 -15.20 17.98
CA PHE B 85 4.11 -16.65 17.92
C PHE B 85 2.84 -17.10 17.22
N ALA B 86 2.89 -18.34 16.71
CA ALA B 86 1.77 -18.88 15.96
C ALA B 86 0.69 -19.45 16.88
N THR B 87 1.09 -20.08 17.99
CA THR B 87 0.15 -20.59 18.98
C THR B 87 0.69 -20.30 20.38
N LEU B 88 -0.20 -20.35 21.36
CA LEU B 88 0.22 -20.18 22.75
C LEU B 88 1.15 -21.30 23.20
N ALA B 89 0.91 -22.52 22.70
CA ALA B 89 1.78 -23.64 23.06
C ALA B 89 3.18 -23.46 22.51
N GLU B 90 3.29 -22.97 21.27
CA GLU B 90 4.61 -22.69 20.72
C GLU B 90 5.29 -21.55 21.47
N LEU B 91 4.51 -20.58 21.94
CA LEU B 91 5.05 -19.52 22.79
C LEU B 91 5.64 -20.09 24.07
N VAL B 92 4.85 -20.90 24.78
CA VAL B 92 5.30 -21.45 26.05
C VAL B 92 6.49 -22.38 25.83
N GLN B 93 6.44 -23.20 24.78
CA GLN B 93 7.56 -24.08 24.47
C GLN B 93 8.83 -23.30 24.20
N TYR B 94 8.71 -22.16 23.52
CA TYR B 94 9.88 -21.35 23.19
C TYR B 94 10.60 -20.87 24.44
N TYR B 95 9.88 -20.17 25.32
CA TYR B 95 10.51 -19.59 26.50
C TYR B 95 10.86 -20.64 27.54
N MET B 96 10.19 -21.80 27.55
CA MET B 96 10.55 -22.84 28.49
C MET B 96 11.83 -23.57 28.09
N GLU B 97 12.25 -23.45 26.82
CA GLU B 97 13.50 -24.03 26.36
C GLU B 97 14.51 -22.98 25.89
N HIS B 98 14.19 -21.69 26.01
CA HIS B 98 15.11 -20.62 25.64
C HIS B 98 15.19 -19.65 26.82
N HIS B 99 16.14 -19.91 27.70
CA HIS B 99 16.35 -19.11 28.90
C HIS B 99 16.69 -17.67 28.56
N GLY B 100 16.42 -16.78 29.51
CA GLY B 100 16.88 -15.41 29.42
C GLY B 100 16.32 -14.60 28.28
N GLN B 101 15.25 -15.09 27.64
CA GLN B 101 14.65 -14.37 26.53
C GLN B 101 13.45 -13.52 26.93
N LEU B 102 12.76 -13.89 28.01
CA LEU B 102 11.61 -13.13 28.49
C LEU B 102 12.08 -12.13 29.53
N LYS B 103 11.82 -10.84 29.28
CA LYS B 103 12.26 -9.77 30.16
C LYS B 103 11.12 -8.80 30.41
N GLU B 104 11.26 -8.00 31.47
CA GLU B 104 10.29 -6.98 31.81
C GLU B 104 10.55 -5.73 30.98
N LYS B 105 9.88 -4.63 31.33
CA LYS B 105 10.25 -3.33 30.76
C LYS B 105 11.66 -2.94 31.20
N ASN B 106 12.00 -3.25 32.45
CA ASN B 106 13.38 -3.15 32.90
C ASN B 106 14.10 -4.47 32.61
N GLY B 107 15.39 -4.52 32.94
CA GLY B 107 16.25 -5.58 32.47
C GLY B 107 16.02 -6.96 33.09
N ASP B 108 15.22 -7.05 34.15
CA ASP B 108 15.07 -8.31 34.86
C ASP B 108 14.46 -9.38 33.96
N VAL B 109 14.87 -10.63 34.19
CA VAL B 109 14.48 -11.77 33.36
C VAL B 109 13.33 -12.51 34.03
N ILE B 110 12.36 -12.93 33.23
CA ILE B 110 11.19 -13.67 33.69
C ILE B 110 11.33 -15.12 33.21
N GLU B 111 11.40 -16.05 34.16
CA GLU B 111 11.61 -17.46 33.85
C GLU B 111 10.30 -18.22 33.89
N LEU B 112 10.00 -18.94 32.82
CA LEU B 112 8.87 -19.88 32.79
C LEU B 112 9.41 -21.25 33.19
N LYS B 113 9.17 -21.64 34.43
CA LYS B 113 9.74 -22.87 34.99
C LYS B 113 8.70 -23.96 35.23
N TYR B 114 7.65 -23.67 35.98
CA TYR B 114 6.68 -24.68 36.39
C TYR B 114 5.28 -24.32 35.91
N PRO B 115 4.67 -25.10 35.03
CA PRO B 115 3.26 -24.86 34.69
C PRO B 115 2.36 -25.12 35.88
N LEU B 116 1.49 -24.14 36.19
CA LEU B 116 0.44 -24.33 37.18
C LEU B 116 -0.75 -24.96 36.47
N ASN B 117 -0.99 -26.24 36.74
CA ASN B 117 -1.94 -27.01 35.95
C ASN B 117 -3.38 -26.69 36.32
N CYS B 118 -4.22 -26.60 35.30
CA CYS B 118 -5.63 -26.28 35.47
C CYS B 118 -6.45 -27.57 35.60
N ALA B 119 -7.41 -27.56 36.52
CA ALA B 119 -8.30 -28.69 36.73
C ALA B 119 -9.65 -28.52 36.05
N ASP B 120 -9.93 -27.35 35.49
CA ASP B 120 -11.18 -27.08 34.81
C ASP B 120 -11.31 -27.96 33.57
N PRO B 121 -12.35 -28.78 33.44
CA PRO B 121 -12.48 -29.65 32.27
C PRO B 121 -13.21 -28.99 31.10
N THR B 122 -13.33 -27.66 31.11
CA THR B 122 -14.16 -26.98 30.13
C THR B 122 -13.67 -27.22 28.71
N SER B 123 -12.36 -27.26 28.49
CA SER B 123 -11.78 -27.34 27.17
C SER B 123 -11.45 -28.77 26.74
N GLU B 124 -11.91 -29.78 27.47
CA GLU B 124 -11.66 -31.16 27.09
C GLU B 124 -12.69 -31.62 26.07
N ARG B 125 -12.24 -32.42 25.10
CA ARG B 125 -13.13 -32.85 24.03
C ARG B 125 -14.25 -33.75 24.54
N TRP B 126 -14.03 -34.43 25.66
CA TRP B 126 -15.00 -35.39 26.18
C TRP B 126 -15.92 -34.79 27.24
N PHE B 127 -15.72 -33.52 27.62
CA PHE B 127 -16.55 -32.89 28.62
C PHE B 127 -17.69 -32.13 27.95
N HIS B 128 -18.92 -32.41 28.36
CA HIS B 128 -20.10 -31.81 27.74
C HIS B 128 -20.98 -31.09 28.75
N GLY B 129 -20.45 -30.82 29.95
CA GLY B 129 -21.13 -29.98 30.92
C GLY B 129 -22.52 -30.47 31.27
N HIS B 130 -23.48 -29.54 31.31
CA HIS B 130 -24.86 -29.87 31.60
C HIS B 130 -25.43 -30.69 30.44
N LEU B 131 -25.60 -31.99 30.65
CA LEU B 131 -26.13 -32.88 29.62
C LEU B 131 -26.93 -33.97 30.31
N SER B 132 -28.20 -34.09 29.94
CA SER B 132 -29.07 -35.09 30.56
C SER B 132 -28.62 -36.50 30.19
N GLY B 133 -28.95 -37.45 31.06
CA GLY B 133 -28.59 -38.83 30.81
C GLY B 133 -29.25 -39.39 29.56
N LYS B 134 -30.47 -38.93 29.26
CA LYS B 134 -31.14 -39.40 28.04
C LYS B 134 -30.52 -38.80 26.79
N GLU B 135 -30.03 -37.56 26.86
CA GLU B 135 -29.42 -36.95 25.69
C GLU B 135 -28.01 -37.49 25.44
N ALA B 136 -27.24 -37.72 26.51
CA ALA B 136 -25.97 -38.40 26.34
C ALA B 136 -26.18 -39.80 25.77
N GLU B 137 -27.25 -40.47 26.19
CA GLU B 137 -27.58 -41.78 25.65
C GLU B 137 -27.94 -41.70 24.17
N LYS B 138 -28.72 -40.68 23.79
CA LYS B 138 -29.13 -40.53 22.40
C LYS B 138 -27.95 -40.18 21.51
N LEU B 139 -27.09 -39.26 21.96
CA LEU B 139 -25.95 -38.86 21.14
C LEU B 139 -24.98 -40.02 20.94
N LEU B 140 -24.73 -40.81 21.99
CA LEU B 140 -23.88 -41.98 21.84
C LEU B 140 -24.51 -43.03 20.94
N THR B 141 -25.84 -43.10 20.91
CA THR B 141 -26.52 -44.07 20.07
C THR B 141 -26.47 -43.66 18.60
N GLU B 142 -26.67 -42.38 18.31
CA GLU B 142 -26.71 -41.89 16.93
C GLU B 142 -25.32 -41.61 16.36
N LYS B 143 -24.43 -41.01 17.16
CA LYS B 143 -23.13 -40.58 16.66
C LYS B 143 -21.96 -41.43 17.14
N GLY B 144 -22.12 -42.20 18.22
CA GLY B 144 -21.00 -42.89 18.80
C GLY B 144 -20.74 -44.27 18.21
N LYS B 145 -19.50 -44.72 18.37
CA LYS B 145 -19.08 -46.07 18.03
C LYS B 145 -18.53 -46.74 19.29
N HIS B 146 -17.88 -47.89 19.11
CA HIS B 146 -17.29 -48.58 20.23
C HIS B 146 -16.14 -47.76 20.79
N GLY B 147 -16.18 -47.50 22.10
CA GLY B 147 -15.16 -46.72 22.76
C GLY B 147 -15.47 -45.24 22.86
N SER B 148 -16.54 -44.77 22.22
CA SER B 148 -16.93 -43.36 22.33
C SER B 148 -17.43 -43.08 23.74
N PHE B 149 -16.91 -42.01 24.35
CA PHE B 149 -17.23 -41.70 25.73
C PHE B 149 -17.39 -40.20 25.92
N LEU B 150 -17.99 -39.83 27.04
CA LEU B 150 -18.20 -38.43 27.39
C LEU B 150 -18.34 -38.33 28.90
N VAL B 151 -18.13 -37.13 29.42
CA VAL B 151 -18.31 -36.81 30.83
C VAL B 151 -19.28 -35.66 30.94
N ARG B 152 -20.28 -35.80 31.81
CA ARG B 152 -21.32 -34.80 31.98
C ARG B 152 -21.56 -34.56 33.47
N GLU B 153 -22.16 -33.42 33.77
CA GLU B 153 -22.53 -33.11 35.14
C GLU B 153 -23.70 -33.98 35.58
N SER B 154 -23.64 -34.44 36.83
CA SER B 154 -24.74 -35.23 37.38
C SER B 154 -25.93 -34.32 37.67
N GLN B 155 -27.11 -34.72 37.20
CA GLN B 155 -28.30 -33.91 37.41
C GLN B 155 -28.90 -34.12 38.79
N SER B 156 -28.73 -35.31 39.37
CA SER B 156 -29.26 -35.58 40.70
C SER B 156 -28.40 -34.96 41.79
N HIS B 157 -27.11 -35.31 41.82
CA HIS B 157 -26.20 -34.81 42.83
C HIS B 157 -25.33 -33.72 42.23
N PRO B 158 -25.48 -32.46 42.64
CA PRO B 158 -24.62 -31.40 42.08
C PRO B 158 -23.18 -31.57 42.53
N GLY B 159 -22.26 -31.13 41.65
CA GLY B 159 -20.85 -31.33 41.86
C GLY B 159 -20.34 -32.70 41.46
N ASP B 160 -21.21 -33.68 41.30
CA ASP B 160 -20.84 -35.00 40.82
C ASP B 160 -20.95 -35.05 39.30
N PHE B 161 -20.35 -36.08 38.71
CA PHE B 161 -20.29 -36.20 37.26
C PHE B 161 -20.61 -37.64 36.86
N VAL B 162 -20.86 -37.84 35.57
CA VAL B 162 -21.18 -39.15 35.01
C VAL B 162 -20.31 -39.38 33.78
N LEU B 163 -19.67 -40.54 33.73
CA LEU B 163 -18.93 -40.98 32.55
C LEU B 163 -19.80 -41.97 31.78
N SER B 164 -20.16 -41.62 30.54
CA SER B 164 -21.00 -42.45 29.70
C SER B 164 -20.17 -43.01 28.55
N VAL B 165 -20.16 -44.34 28.41
CA VAL B 165 -19.31 -45.03 27.45
C VAL B 165 -20.18 -45.94 26.60
N ARG B 166 -19.89 -45.98 25.30
CA ARG B 166 -20.52 -46.92 24.38
C ARG B 166 -19.53 -48.04 24.05
N THR B 167 -20.03 -49.28 24.08
CA THR B 167 -19.24 -50.46 23.71
C THR B 167 -20.11 -51.37 22.86
N GLY B 168 -19.47 -52.17 22.02
CA GLY B 168 -20.18 -53.14 21.22
C GLY B 168 -19.50 -53.32 19.87
N ASP B 169 -20.27 -53.89 18.94
CA ASP B 169 -19.81 -54.18 17.58
C ASP B 169 -20.44 -53.19 16.62
N ASP B 170 -19.61 -52.55 15.80
CA ASP B 170 -20.05 -51.49 14.90
C ASP B 170 -20.43 -51.99 13.51
N LYS B 171 -20.67 -53.30 13.36
CA LYS B 171 -20.94 -53.85 12.03
C LYS B 171 -22.39 -53.63 11.60
N GLY B 172 -23.33 -53.78 12.54
CA GLY B 172 -24.73 -53.67 12.20
C GLY B 172 -25.15 -52.26 11.82
N GLU B 173 -26.33 -52.18 11.20
CA GLU B 173 -26.90 -50.91 10.77
C GLU B 173 -28.14 -50.52 11.57
N SER B 174 -28.45 -51.23 12.65
CA SER B 174 -29.65 -50.96 13.42
C SER B 174 -29.39 -51.31 14.88
N ASN B 175 -30.40 -51.07 15.72
CA ASN B 175 -30.33 -51.33 17.15
C ASN B 175 -30.59 -52.82 17.39
N ASP B 176 -29.57 -53.63 17.13
CA ASP B 176 -29.67 -55.07 17.23
C ASP B 176 -29.26 -55.62 18.60
N GLY B 177 -28.97 -54.74 19.56
CA GLY B 177 -28.59 -55.17 20.89
C GLY B 177 -27.14 -55.56 21.06
N LYS B 178 -26.35 -55.57 19.98
CA LYS B 178 -24.94 -55.91 20.10
C LYS B 178 -24.10 -54.75 20.64
N SER B 179 -24.68 -53.56 20.76
CA SER B 179 -24.02 -52.42 21.37
C SER B 179 -24.83 -51.94 22.56
N LYS B 180 -24.18 -51.20 23.45
CA LYS B 180 -24.83 -50.72 24.66
C LYS B 180 -24.10 -49.47 25.16
N VAL B 181 -24.75 -48.76 26.07
CA VAL B 181 -24.20 -47.58 26.72
C VAL B 181 -24.15 -47.84 28.22
N THR B 182 -22.99 -47.59 28.82
CA THR B 182 -22.79 -47.78 30.25
C THR B 182 -22.51 -46.44 30.90
N HIS B 183 -23.10 -46.24 32.09
CA HIS B 183 -22.90 -45.02 32.87
C HIS B 183 -22.10 -45.35 34.13
N VAL B 184 -21.08 -44.55 34.40
CA VAL B 184 -20.25 -44.70 35.59
C VAL B 184 -20.31 -43.39 36.37
N MET B 185 -20.74 -43.48 37.63
CA MET B 185 -20.87 -42.30 38.47
C MET B 185 -19.50 -41.85 38.96
N ILE B 186 -19.25 -40.55 38.87
CA ILE B 186 -18.00 -39.94 39.34
C ILE B 186 -18.35 -39.07 40.54
N ARG B 187 -17.91 -39.50 41.72
CA ARG B 187 -18.22 -38.78 42.96
C ARG B 187 -17.15 -37.74 43.24
N CYS B 188 -17.58 -36.57 43.71
CA CYS B 188 -16.69 -35.52 44.16
C CYS B 188 -16.70 -35.51 45.68
N GLN B 189 -15.63 -36.03 46.29
CA GLN B 189 -15.52 -36.15 47.75
C GLN B 189 -14.32 -35.34 48.20
N GLU B 190 -14.57 -34.16 48.76
CA GLU B 190 -13.54 -33.26 49.27
C GLU B 190 -12.51 -32.93 48.18
N LEU B 191 -13.00 -32.31 47.12
CA LEU B 191 -12.21 -31.78 46.00
C LEU B 191 -11.50 -32.86 45.21
N LYS B 192 -11.85 -34.14 45.40
CA LYS B 192 -11.23 -35.23 44.65
C LYS B 192 -12.32 -36.08 44.01
N TYR B 193 -11.96 -36.72 42.89
CA TYR B 193 -12.90 -37.46 42.08
C TYR B 193 -12.54 -38.93 42.03
N ASP B 194 -13.55 -39.79 42.12
CA ASP B 194 -13.36 -41.23 42.09
C ASP B 194 -14.59 -41.87 41.46
N VAL B 195 -14.47 -43.16 41.12
CA VAL B 195 -15.56 -43.88 40.47
C VAL B 195 -16.15 -44.90 41.45
N GLY B 196 -16.04 -44.61 42.74
CA GLY B 196 -16.56 -45.47 43.77
C GLY B 196 -15.51 -46.27 44.53
N GLY B 197 -14.30 -46.36 43.99
CA GLY B 197 -13.24 -47.10 44.65
C GLY B 197 -11.92 -46.86 43.95
N GLY B 198 -10.85 -47.20 44.66
CA GLY B 198 -9.50 -47.05 44.13
C GLY B 198 -8.89 -45.68 44.37
N GLU B 199 -8.29 -45.11 43.33
CA GLU B 199 -7.58 -43.85 43.46
C GLU B 199 -8.54 -42.67 43.43
N ARG B 200 -8.14 -41.58 44.06
CA ARG B 200 -8.88 -40.32 44.06
C ARG B 200 -8.05 -39.28 43.31
N PHE B 201 -8.68 -38.60 42.37
CA PHE B 201 -7.98 -37.73 41.43
C PHE B 201 -8.26 -36.27 41.71
N ASP B 202 -7.25 -35.43 41.43
CA ASP B 202 -7.36 -33.99 41.64
C ASP B 202 -8.15 -33.30 40.53
N SER B 203 -8.49 -34.00 39.46
CA SER B 203 -9.25 -33.40 38.37
C SER B 203 -9.89 -34.51 37.54
N LEU B 204 -10.97 -34.15 36.84
CA LEU B 204 -11.61 -35.09 35.93
C LEU B 204 -10.65 -35.56 34.86
N THR B 205 -9.74 -34.70 34.41
CA THR B 205 -8.77 -35.07 33.38
C THR B 205 -7.87 -36.19 33.87
N ASP B 206 -7.37 -36.07 35.10
CA ASP B 206 -6.55 -37.14 35.66
C ASP B 206 -7.32 -38.44 35.76
N LEU B 207 -8.59 -38.36 36.14
CA LEU B 207 -9.44 -39.55 36.21
C LEU B 207 -9.61 -40.18 34.83
N VAL B 208 -9.97 -39.36 33.84
CA VAL B 208 -10.18 -39.86 32.49
C VAL B 208 -8.90 -40.46 31.93
N GLU B 209 -7.77 -39.81 32.18
CA GLU B 209 -6.49 -40.31 31.68
C GLU B 209 -6.12 -41.65 32.32
N HIS B 210 -6.41 -41.81 33.61
CA HIS B 210 -6.06 -43.04 34.29
C HIS B 210 -6.85 -44.22 33.75
N TYR B 211 -8.18 -44.07 33.65
CA TYR B 211 -9.02 -45.14 33.14
C TYR B 211 -9.01 -45.22 31.62
N LYS B 212 -8.28 -44.34 30.95
CA LYS B 212 -7.96 -44.54 29.54
C LYS B 212 -6.78 -45.51 29.40
N LYS B 213 -5.82 -45.43 30.31
CA LYS B 213 -4.69 -46.35 30.30
C LYS B 213 -5.05 -47.67 30.97
N ASN B 214 -5.79 -47.63 32.06
CA ASN B 214 -6.24 -48.82 32.79
C ASN B 214 -7.76 -48.86 32.73
N PRO B 215 -8.33 -49.44 31.68
CA PRO B 215 -9.79 -49.37 31.51
C PRO B 215 -10.54 -50.16 32.57
N MET B 216 -11.70 -49.66 32.93
CA MET B 216 -12.57 -50.37 33.86
C MET B 216 -13.12 -51.63 33.22
N VAL B 217 -13.22 -52.70 34.00
CA VAL B 217 -13.71 -53.98 33.54
C VAL B 217 -14.93 -54.36 34.36
N GLU B 218 -16.03 -54.66 33.69
CA GLU B 218 -17.26 -55.03 34.36
C GLU B 218 -17.16 -56.47 34.88
N THR B 219 -18.17 -56.86 35.67
CA THR B 219 -18.12 -58.16 36.33
C THR B 219 -18.12 -59.31 35.33
N LEU B 220 -18.83 -59.15 34.22
CA LEU B 220 -18.98 -60.22 33.24
C LEU B 220 -17.99 -60.11 32.08
N GLY B 221 -17.01 -59.21 32.17
CA GLY B 221 -15.90 -59.18 31.23
C GLY B 221 -15.85 -57.98 30.31
N THR B 222 -16.90 -57.17 30.25
CA THR B 222 -16.91 -56.03 29.34
C THR B 222 -15.87 -55.00 29.77
N VAL B 223 -15.00 -54.62 28.83
CA VAL B 223 -13.97 -53.62 29.06
C VAL B 223 -14.47 -52.29 28.53
N LEU B 224 -14.64 -51.32 29.44
CA LEU B 224 -15.15 -50.00 29.07
C LEU B 224 -13.98 -49.17 28.55
N GLN B 225 -13.60 -49.46 27.30
CA GLN B 225 -12.50 -48.73 26.67
C GLN B 225 -12.92 -47.30 26.37
N LEU B 226 -12.08 -46.35 26.79
CA LEU B 226 -12.28 -44.93 26.45
C LEU B 226 -11.40 -44.65 25.23
N LYS B 227 -11.96 -44.91 24.05
CA LYS B 227 -11.19 -44.84 22.82
C LYS B 227 -11.15 -43.42 22.24
N GLN B 228 -12.31 -42.80 22.07
CA GLN B 228 -12.38 -41.48 21.46
C GLN B 228 -13.51 -40.70 22.10
N PRO B 229 -13.39 -39.38 22.18
CA PRO B 229 -14.50 -38.58 22.71
C PRO B 229 -15.64 -38.50 21.71
N LEU B 230 -16.85 -38.37 22.23
CA LEU B 230 -18.03 -38.25 21.37
C LEU B 230 -17.94 -36.96 20.57
N ASN B 231 -18.16 -37.06 19.26
CA ASN B 231 -18.11 -35.92 18.37
C ASN B 231 -19.48 -35.24 18.35
N THR B 232 -19.52 -33.97 18.74
CA THR B 232 -20.74 -33.17 18.67
C THR B 232 -20.59 -31.95 17.77
N THR B 233 -19.46 -31.83 17.06
CA THR B 233 -19.22 -30.69 16.19
C THR B 233 -19.55 -30.96 14.74
N ARG B 234 -19.45 -32.21 14.30
CA ARG B 234 -19.84 -32.55 12.93
C ARG B 234 -21.35 -32.40 12.77
N ILE B 235 -21.75 -31.61 11.78
CA ILE B 235 -23.15 -31.31 11.54
C ILE B 235 -23.46 -31.47 10.05
N ASN B 236 -24.73 -31.71 9.76
CA ASN B 236 -25.19 -31.65 8.38
C ASN B 236 -25.13 -30.21 7.89
N ALA B 237 -24.63 -30.04 6.65
CA ALA B 237 -24.41 -28.69 6.13
C ALA B 237 -25.70 -27.87 6.10
N ALA B 238 -26.85 -28.52 5.88
CA ALA B 238 -28.10 -27.80 5.84
C ALA B 238 -28.54 -27.32 7.22
N GLU B 239 -27.96 -27.86 8.29
CA GLU B 239 -28.27 -27.46 9.65
C GLU B 239 -27.31 -26.41 10.19
N ILE B 240 -26.59 -25.72 9.31
CA ILE B 240 -25.57 -24.77 9.76
C ILE B 240 -26.21 -23.57 10.45
N GLU B 241 -27.37 -23.14 9.96
CA GLU B 241 -28.02 -21.97 10.55
C GLU B 241 -28.50 -22.26 11.97
N SER B 242 -29.04 -23.45 12.20
CA SER B 242 -29.52 -23.81 13.54
C SER B 242 -28.35 -23.95 14.51
N ARG B 243 -27.23 -24.53 14.05
CA ARG B 243 -26.08 -24.69 14.92
C ARG B 243 -25.45 -23.34 15.27
N VAL B 244 -25.34 -22.45 14.29
CA VAL B 244 -24.77 -21.12 14.55
C VAL B 244 -25.64 -20.36 15.54
N ARG B 245 -26.96 -20.47 15.42
CA ARG B 245 -27.85 -19.86 16.40
C ARG B 245 -27.66 -20.49 17.77
N GLU B 246 -27.44 -21.80 17.82
CA GLU B 246 -27.18 -22.47 19.08
C GLU B 246 -25.88 -21.98 19.71
N LEU B 247 -24.82 -21.87 18.90
CA LEU B 247 -23.53 -21.43 19.41
C LEU B 247 -23.49 -19.95 19.74
N SER B 248 -24.44 -19.17 19.22
CA SER B 248 -24.41 -17.72 19.42
C SER B 248 -24.96 -17.30 20.79
N LYS B 249 -25.75 -18.15 21.44
CA LYS B 249 -26.31 -17.81 22.74
C LYS B 249 -25.36 -18.21 23.87
N LYS B 258 -24.85 -26.18 26.83
CA LYS B 258 -23.96 -25.08 27.20
C LYS B 258 -22.87 -24.89 26.15
N GLN B 259 -22.83 -25.80 25.18
CA GLN B 259 -21.83 -25.74 24.12
C GLN B 259 -22.01 -24.50 23.25
N GLY B 260 -21.15 -23.50 23.45
CA GLY B 260 -21.17 -22.28 22.67
C GLY B 260 -19.97 -22.16 21.76
N PHE B 261 -19.89 -21.00 21.11
CA PHE B 261 -18.75 -20.72 20.24
C PHE B 261 -17.44 -20.74 21.00
N TRP B 262 -17.43 -20.11 22.18
CA TRP B 262 -16.20 -20.02 22.97
C TRP B 262 -15.74 -21.39 23.46
N GLU B 263 -16.67 -22.20 23.98
CA GLU B 263 -16.31 -23.52 24.47
C GLU B 263 -15.82 -24.42 23.36
N GLU B 264 -16.43 -24.33 22.17
CA GLU B 264 -15.99 -25.12 21.04
C GLU B 264 -14.61 -24.69 20.56
N PHE B 265 -14.38 -23.38 20.46
CA PHE B 265 -13.11 -22.88 19.97
C PHE B 265 -11.98 -23.21 20.94
N GLU B 266 -12.20 -22.97 22.24
CA GLU B 266 -11.14 -23.20 23.22
C GLU B 266 -10.88 -24.69 23.41
N THR B 267 -11.88 -25.54 23.16
CA THR B 267 -11.62 -26.98 23.15
C THR B 267 -10.70 -27.35 21.99
N LEU B 268 -10.88 -26.70 20.84
CA LEU B 268 -9.95 -26.89 19.73
C LEU B 268 -8.57 -26.33 20.06
N GLN B 269 -8.53 -25.19 20.76
CA GLN B 269 -7.25 -24.57 21.09
C GLN B 269 -6.42 -25.46 22.01
N GLN B 270 -7.08 -26.18 22.92
CA GLN B 270 -6.35 -27.09 23.80
C GLN B 270 -5.64 -28.18 23.01
N GLN B 271 -6.21 -28.57 21.86
CA GLN B 271 -5.63 -29.63 21.05
C GLN B 271 -4.40 -29.20 20.28
N GLU B 272 -4.03 -27.91 20.33
CA GLU B 272 -2.85 -27.45 19.62
C GLU B 272 -1.57 -28.03 20.19
N CYS B 273 -1.60 -28.53 21.43
CA CYS B 273 -0.40 -29.09 22.05
C CYS B 273 0.04 -30.39 21.38
N LYS B 274 -0.83 -31.00 20.58
CA LYS B 274 -0.47 -32.20 19.83
C LYS B 274 0.21 -31.89 18.51
N LEU B 275 0.37 -30.61 18.16
CA LEU B 275 0.87 -30.21 16.86
C LEU B 275 2.19 -29.45 16.97
N LEU B 276 2.98 -29.74 18.00
CA LEU B 276 4.29 -29.10 18.16
C LEU B 276 5.36 -29.88 17.40
N TYR B 277 5.20 -29.91 16.08
CA TYR B 277 6.13 -30.61 15.21
C TYR B 277 7.40 -29.79 15.01
N SER B 278 8.46 -30.47 14.59
CA SER B 278 9.75 -29.82 14.44
C SER B 278 9.72 -28.78 13.32
N ARG B 279 10.44 -27.69 13.54
CA ARG B 279 10.63 -26.62 12.56
C ARG B 279 12.11 -26.29 12.43
N LYS B 280 12.93 -27.34 12.28
CA LYS B 280 14.38 -27.17 12.38
C LYS B 280 14.94 -26.39 11.20
N GLU B 281 14.46 -26.65 9.99
CA GLU B 281 15.01 -25.98 8.81
C GLU B 281 14.78 -24.47 8.88
N GLY B 282 13.62 -24.05 9.38
CA GLY B 282 13.36 -22.64 9.53
C GLY B 282 14.18 -21.97 10.62
N GLN B 283 14.77 -22.75 11.51
CA GLN B 283 15.60 -22.22 12.58
C GLN B 283 17.08 -22.15 12.21
N ARG B 284 17.46 -22.65 11.03
CA ARG B 284 18.86 -22.63 10.63
C ARG B 284 19.34 -21.20 10.44
N GLN B 285 20.64 -20.99 10.66
CA GLN B 285 21.22 -19.65 10.62
C GLN B 285 20.99 -18.99 9.27
N GLU B 286 21.15 -19.74 8.17
CA GLU B 286 21.04 -19.18 6.84
C GLU B 286 19.59 -18.86 6.46
N ASN B 287 18.62 -19.42 7.17
CA ASN B 287 17.21 -19.22 6.86
C ASN B 287 16.53 -18.23 7.80
N LYS B 288 17.29 -17.61 8.72
CA LYS B 288 16.67 -16.76 9.73
C LYS B 288 16.06 -15.50 9.10
N ASN B 289 16.83 -14.81 8.25
CA ASN B 289 16.33 -13.59 7.63
C ASN B 289 15.38 -13.87 6.47
N LYS B 290 15.07 -15.13 6.19
CA LYS B 290 14.03 -15.50 5.23
C LYS B 290 12.66 -15.61 5.89
N ASN B 291 12.56 -15.36 7.19
CA ASN B 291 11.32 -15.42 7.93
C ASN B 291 10.88 -14.02 8.32
N ARG B 292 9.63 -13.68 8.00
CA ARG B 292 9.09 -12.38 8.39
C ARG B 292 9.03 -12.24 9.91
N TYR B 293 8.62 -13.30 10.59
CA TYR B 293 8.60 -13.34 12.06
C TYR B 293 9.45 -14.51 12.52
N LYS B 294 10.35 -14.23 13.47
CA LYS B 294 11.44 -15.16 13.77
C LYS B 294 10.94 -16.51 14.26
N ASN B 295 9.82 -16.54 14.99
CA ASN B 295 9.34 -17.77 15.60
C ASN B 295 8.09 -18.33 14.93
N ILE B 296 7.65 -17.74 13.82
CA ILE B 296 6.54 -18.27 13.03
C ILE B 296 7.16 -18.99 11.86
N LEU B 297 7.26 -20.32 11.97
CA LEU B 297 8.07 -21.12 11.07
C LEU B 297 7.28 -22.28 10.49
N PRO B 298 7.67 -22.78 9.33
CA PRO B 298 6.98 -23.91 8.73
C PRO B 298 7.44 -25.25 9.31
N PHE B 299 6.47 -26.15 9.49
CA PHE B 299 6.80 -27.52 9.85
C PHE B 299 7.76 -28.12 8.82
N ASP B 300 8.76 -28.85 9.31
CA ASP B 300 9.71 -29.48 8.40
C ASP B 300 9.02 -30.45 7.45
N HIS B 301 8.04 -31.20 7.96
CA HIS B 301 7.47 -32.31 7.20
C HIS B 301 6.45 -31.86 6.16
N THR B 302 6.04 -30.59 6.15
CA THR B 302 5.15 -30.08 5.11
C THR B 302 5.70 -28.86 4.39
N ARG B 303 6.90 -28.39 4.74
CA ARG B 303 7.44 -27.19 4.12
C ARG B 303 7.67 -27.42 2.62
N VAL B 304 7.56 -26.34 1.86
CA VAL B 304 7.83 -26.39 0.43
C VAL B 304 9.34 -26.36 0.22
N VAL B 305 9.89 -27.45 -0.30
CA VAL B 305 11.33 -27.56 -0.53
C VAL B 305 11.62 -27.07 -1.94
N LEU B 306 12.50 -26.07 -2.06
CA LEU B 306 12.84 -25.49 -3.34
C LEU B 306 14.03 -26.24 -3.94
N HIS B 307 13.84 -26.82 -5.12
CA HIS B 307 14.88 -27.55 -5.81
C HIS B 307 15.49 -26.70 -6.92
N ASP B 308 16.58 -27.20 -7.50
CA ASP B 308 17.30 -26.54 -8.59
C ASP B 308 17.72 -25.13 -8.19
N GLY B 309 18.23 -24.99 -6.98
CA GLY B 309 18.71 -23.71 -6.50
C GLY B 309 20.07 -23.36 -7.04
N ASP B 310 20.53 -22.17 -6.65
CA ASP B 310 21.85 -21.70 -7.04
C ASP B 310 22.92 -22.66 -6.53
N PRO B 311 23.75 -23.24 -7.41
CA PRO B 311 24.83 -24.11 -6.92
C PRO B 311 25.81 -23.41 -6.00
N ASN B 312 25.89 -22.09 -6.05
CA ASN B 312 26.79 -21.34 -5.17
C ASN B 312 26.13 -20.99 -3.85
N GLU B 313 24.82 -20.83 -3.81
CA GLU B 313 24.11 -20.60 -2.56
C GLU B 313 24.14 -21.88 -1.73
N PRO B 314 24.78 -21.89 -0.56
CA PRO B 314 24.91 -23.14 0.19
C PRO B 314 23.58 -23.74 0.61
N VAL B 315 22.59 -22.90 0.93
CA VAL B 315 21.26 -23.35 1.32
C VAL B 315 20.25 -22.53 0.50
N SER B 316 19.71 -23.14 -0.54
CA SER B 316 18.78 -22.48 -1.45
C SER B 316 17.45 -23.22 -1.56
N ASP B 317 17.11 -24.04 -0.56
CA ASP B 317 15.94 -24.90 -0.62
C ASP B 317 14.83 -24.45 0.31
N TYR B 318 14.94 -23.28 0.93
CA TYR B 318 14.03 -22.88 1.99
C TYR B 318 13.15 -21.71 1.58
N ILE B 319 11.88 -21.80 1.97
CA ILE B 319 10.95 -20.67 1.95
C ILE B 319 9.94 -20.91 3.06
N ASN B 320 9.51 -19.83 3.71
CA ASN B 320 8.51 -19.95 4.77
C ASN B 320 7.15 -20.24 4.15
N ALA B 321 6.87 -21.52 3.89
CA ALA B 321 5.66 -21.94 3.22
C ALA B 321 5.43 -23.41 3.51
N ASN B 322 4.16 -23.82 3.51
CA ASN B 322 3.79 -25.20 3.76
C ASN B 322 2.75 -25.66 2.74
N ILE B 323 2.84 -26.93 2.35
CA ILE B 323 1.79 -27.55 1.59
C ILE B 323 0.62 -27.85 2.51
N ILE B 324 -0.58 -27.47 2.09
CA ILE B 324 -1.81 -27.78 2.82
C ILE B 324 -2.62 -28.73 1.95
N MET B 325 -2.66 -29.99 2.33
CA MET B 325 -3.37 -31.02 1.57
C MET B 325 -4.64 -31.40 2.31
N PRO B 326 -5.82 -31.19 1.73
CA PRO B 326 -7.05 -31.58 2.41
C PRO B 326 -7.16 -33.09 2.56
N GLU B 327 -7.57 -33.52 3.75
CA GLU B 327 -7.72 -34.95 4.04
C GLU B 327 -8.69 -35.16 5.20
N LYS B 338 -9.39 -32.45 -5.21
CA LYS B 338 -8.13 -32.46 -5.93
C LYS B 338 -7.32 -31.20 -5.63
N LYS B 339 -7.99 -30.19 -5.11
CA LYS B 339 -7.36 -28.90 -4.87
C LYS B 339 -6.50 -28.94 -3.61
N SER B 340 -5.27 -28.45 -3.73
CA SER B 340 -4.37 -28.28 -2.60
C SER B 340 -3.95 -26.81 -2.53
N TYR B 341 -3.23 -26.47 -1.46
CA TYR B 341 -2.86 -25.09 -1.21
C TYR B 341 -1.41 -25.00 -0.78
N ILE B 342 -0.86 -23.81 -0.90
CA ILE B 342 0.40 -23.43 -0.28
C ILE B 342 0.13 -22.22 0.61
N ALA B 343 0.33 -22.39 1.92
CA ALA B 343 0.19 -21.31 2.88
C ALA B 343 1.57 -20.73 3.15
N THR B 344 1.73 -19.43 2.89
CA THR B 344 3.03 -18.80 2.98
C THR B 344 2.87 -17.39 3.53
N GLN B 345 4.00 -16.76 3.83
CA GLN B 345 4.03 -15.42 4.41
C GLN B 345 4.07 -14.37 3.31
N GLY B 346 3.82 -13.12 3.71
CA GLY B 346 4.02 -11.99 2.82
C GLY B 346 5.48 -11.86 2.47
N CYS B 347 5.78 -11.64 1.19
CA CYS B 347 7.16 -11.65 0.73
C CYS B 347 7.99 -10.57 1.41
N LEU B 348 9.22 -10.92 1.75
CA LEU B 348 10.24 -9.95 2.09
C LEU B 348 11.04 -9.60 0.84
N GLN B 349 11.80 -8.51 0.92
CA GLN B 349 12.59 -8.09 -0.23
C GLN B 349 13.60 -9.16 -0.63
N ASN B 350 14.09 -9.94 0.32
CA ASN B 350 15.10 -10.96 0.05
C ASN B 350 14.50 -12.34 -0.18
N THR B 351 13.17 -12.47 -0.23
CA THR B 351 12.52 -13.74 -0.53
C THR B 351 11.62 -13.65 -1.76
N VAL B 352 11.67 -12.53 -2.50
CA VAL B 352 10.85 -12.41 -3.71
C VAL B 352 11.26 -13.45 -4.74
N ASN B 353 12.57 -13.58 -4.96
CA ASN B 353 13.06 -14.56 -5.93
C ASN B 353 12.67 -15.98 -5.52
N ASP B 354 12.78 -16.30 -4.23
CA ASP B 354 12.38 -17.61 -3.75
C ASP B 354 10.88 -17.85 -3.94
N PHE B 355 10.08 -16.80 -3.79
CA PHE B 355 8.63 -16.94 -3.97
C PHE B 355 8.29 -17.35 -5.39
N TRP B 356 8.93 -16.72 -6.38
CA TRP B 356 8.64 -17.07 -7.77
C TRP B 356 9.25 -18.41 -8.15
N ARG B 357 10.37 -18.79 -7.53
CA ARG B 357 10.87 -20.14 -7.68
C ARG B 357 9.85 -21.17 -7.20
N MET B 358 9.17 -20.86 -6.09
CA MET B 358 8.15 -21.75 -5.56
C MET B 358 6.95 -21.83 -6.49
N VAL B 359 6.44 -20.68 -6.95
CA VAL B 359 5.28 -20.65 -7.82
C VAL B 359 5.56 -21.43 -9.10
N PHE B 360 6.74 -21.23 -9.69
CA PHE B 360 7.09 -21.93 -10.92
C PHE B 360 7.27 -23.43 -10.66
N GLN B 361 7.97 -23.79 -9.60
CA GLN B 361 8.25 -25.20 -9.33
C GLN B 361 6.98 -25.98 -9.07
N GLU B 362 6.06 -25.42 -8.30
CA GLU B 362 4.83 -26.12 -7.92
C GLU B 362 3.72 -26.01 -8.95
N ASN B 363 3.98 -25.35 -10.08
CA ASN B 363 3.00 -25.19 -11.16
C ASN B 363 1.76 -24.42 -10.70
N SER B 364 1.90 -23.59 -9.67
CA SER B 364 0.78 -22.80 -9.18
C SER B 364 0.37 -21.77 -10.21
N ARG B 365 -0.95 -21.65 -10.42
CA ARG B 365 -1.50 -20.70 -11.38
C ARG B 365 -2.37 -19.63 -10.75
N VAL B 366 -2.67 -19.73 -9.46
CA VAL B 366 -3.52 -18.79 -8.76
C VAL B 366 -2.84 -18.39 -7.46
N ILE B 367 -2.74 -17.09 -7.21
CA ILE B 367 -2.23 -16.56 -5.95
C ILE B 367 -3.35 -15.80 -5.26
N VAL B 368 -3.53 -16.04 -3.97
CA VAL B 368 -4.51 -15.34 -3.16
C VAL B 368 -3.76 -14.53 -2.11
N MET B 369 -3.87 -13.21 -2.19
CA MET B 369 -3.23 -12.29 -1.26
C MET B 369 -4.32 -11.59 -0.46
N THR B 370 -4.27 -11.73 0.86
CA THR B 370 -5.29 -11.22 1.75
C THR B 370 -4.75 -10.15 2.69
N THR B 371 -3.87 -9.29 2.16
CA THR B 371 -3.33 -8.19 2.93
C THR B 371 -2.93 -7.07 1.99
N LYS B 372 -2.99 -5.84 2.50
CA LYS B 372 -2.37 -4.74 1.80
C LYS B 372 -0.85 -4.83 1.94
N GLU B 373 -0.14 -4.14 1.05
CA GLU B 373 1.32 -4.09 1.17
C GLU B 373 1.73 -3.47 2.49
N VAL B 374 1.03 -2.42 2.92
CA VAL B 374 1.31 -1.70 4.15
C VAL B 374 0.02 -1.57 4.94
N GLU B 375 0.05 -1.95 6.21
CA GLU B 375 -1.08 -1.80 7.11
C GLU B 375 -0.59 -1.20 8.42
N ARG B 376 -1.26 -0.15 8.88
CA ARG B 376 -0.87 0.60 10.07
C ARG B 376 0.55 1.15 9.92
N GLY B 377 0.91 1.53 8.69
CA GLY B 377 2.23 2.06 8.42
C GLY B 377 3.35 1.04 8.38
N LYS B 378 3.06 -0.24 8.60
CA LYS B 378 4.08 -1.28 8.66
C LYS B 378 3.99 -2.17 7.43
N SER B 379 5.15 -2.53 6.88
CA SER B 379 5.21 -3.37 5.69
C SER B 379 4.81 -4.80 6.04
N LYS B 380 3.71 -5.27 5.45
CA LYS B 380 3.25 -6.64 5.66
C LYS B 380 3.62 -7.56 4.50
N CYS B 381 3.91 -6.99 3.32
CA CYS B 381 4.28 -7.77 2.14
C CYS B 381 4.84 -6.83 1.08
N VAL B 382 6.04 -7.12 0.59
CA VAL B 382 6.63 -6.29 -0.44
C VAL B 382 5.95 -6.56 -1.78
N LYS B 383 6.00 -5.57 -2.66
CA LYS B 383 5.43 -5.69 -4.00
C LYS B 383 6.28 -6.64 -4.82
N TYR B 384 5.87 -7.91 -4.86
CA TYR B 384 6.61 -8.95 -5.57
C TYR B 384 6.17 -9.10 -7.03
N TRP B 385 5.24 -8.26 -7.49
CA TRP B 385 4.75 -8.29 -8.85
C TRP B 385 5.07 -6.97 -9.55
N PRO B 386 5.24 -7.00 -10.87
CA PRO B 386 5.57 -5.76 -11.59
C PRO B 386 4.37 -4.83 -11.67
N ASP B 387 4.66 -3.57 -11.98
CA ASP B 387 3.61 -2.63 -12.34
C ASP B 387 2.88 -3.12 -13.59
N GLU B 388 1.66 -2.64 -13.78
CA GLU B 388 0.87 -3.06 -14.93
C GLU B 388 1.60 -2.76 -16.22
N TYR B 389 1.60 -3.73 -17.14
CA TYR B 389 2.26 -3.71 -18.44
C TYR B 389 3.79 -3.77 -18.35
N ALA B 390 4.35 -3.90 -17.16
CA ALA B 390 5.80 -3.93 -16.98
C ALA B 390 6.32 -5.36 -16.91
N LEU B 391 7.61 -5.50 -17.22
CA LEU B 391 8.30 -6.79 -17.19
C LEU B 391 9.48 -6.69 -16.25
N LYS B 392 9.60 -7.65 -15.34
CA LYS B 392 10.68 -7.69 -14.36
C LYS B 392 11.26 -9.09 -14.28
N GLU B 393 12.55 -9.16 -13.97
CA GLU B 393 13.25 -10.41 -13.72
C GLU B 393 13.53 -10.53 -12.23
N TYR B 394 13.02 -11.59 -11.62
CA TYR B 394 13.25 -11.89 -10.21
C TYR B 394 14.19 -13.10 -10.17
N GLY B 395 15.49 -12.83 -10.19
CA GLY B 395 16.44 -13.92 -10.30
C GLY B 395 16.32 -14.58 -11.66
N VAL B 396 16.15 -15.90 -11.66
CA VAL B 396 16.00 -16.65 -12.92
C VAL B 396 14.57 -16.65 -13.43
N MET B 397 13.64 -16.02 -12.72
CA MET B 397 12.23 -16.01 -13.10
C MET B 397 11.85 -14.65 -13.69
N ARG B 398 11.07 -14.68 -14.77
CA ARG B 398 10.63 -13.50 -15.48
C ARG B 398 9.12 -13.38 -15.34
N VAL B 399 8.64 -12.19 -14.99
CA VAL B 399 7.23 -11.95 -14.73
C VAL B 399 6.78 -10.71 -15.49
N ARG B 400 5.72 -10.84 -16.29
CA ARG B 400 5.07 -9.72 -16.95
C ARG B 400 3.68 -9.53 -16.34
N ASN B 401 3.37 -8.31 -15.93
CA ASN B 401 2.02 -7.94 -15.51
C ASN B 401 1.25 -7.56 -16.77
N VAL B 402 0.38 -8.45 -17.22
CA VAL B 402 -0.31 -8.24 -18.48
C VAL B 402 -1.44 -7.23 -18.33
N LYS B 403 -2.24 -7.36 -17.27
CA LYS B 403 -3.40 -6.50 -17.09
C LYS B 403 -3.87 -6.58 -15.66
N GLU B 404 -4.35 -5.46 -15.14
CA GLU B 404 -4.97 -5.39 -13.82
C GLU B 404 -6.45 -5.06 -13.97
N SER B 405 -7.28 -5.72 -13.17
CA SER B 405 -8.72 -5.51 -13.18
C SER B 405 -9.18 -5.23 -11.76
N ALA B 406 -9.82 -4.08 -11.56
CA ALA B 406 -10.24 -3.64 -10.24
C ALA B 406 -11.68 -4.03 -9.98
N ALA B 407 -11.92 -4.71 -8.87
CA ALA B 407 -13.25 -4.98 -8.34
C ALA B 407 -13.43 -4.21 -7.04
N HIS B 408 -14.61 -4.35 -6.43
CA HIS B 408 -14.91 -3.59 -5.22
C HIS B 408 -14.01 -4.01 -4.07
N ASP B 409 -13.90 -5.31 -3.81
CA ASP B 409 -13.14 -5.81 -2.67
C ASP B 409 -11.76 -6.32 -3.03
N TYR B 410 -11.43 -6.47 -4.31
CA TYR B 410 -10.16 -7.06 -4.69
C TYR B 410 -9.71 -6.54 -6.05
N THR B 411 -8.45 -6.79 -6.36
CA THR B 411 -7.86 -6.48 -7.64
C THR B 411 -7.29 -7.76 -8.24
N LEU B 412 -7.57 -8.00 -9.51
CA LEU B 412 -7.03 -9.15 -10.23
C LEU B 412 -5.86 -8.69 -11.09
N ARG B 413 -4.75 -9.42 -11.02
CA ARG B 413 -3.56 -9.12 -11.81
C ARG B 413 -3.19 -10.35 -12.62
N GLU B 414 -3.26 -10.23 -13.94
CA GLU B 414 -2.91 -11.31 -14.86
C GLU B 414 -1.42 -11.24 -15.12
N LEU B 415 -0.68 -12.24 -14.66
CA LEU B 415 0.78 -12.26 -14.76
C LEU B 415 1.23 -13.42 -15.64
N LYS B 416 2.29 -13.19 -16.40
CA LYS B 416 2.95 -14.22 -17.19
C LYS B 416 4.29 -14.55 -16.53
N LEU B 417 4.43 -15.77 -16.06
CA LEU B 417 5.64 -16.23 -15.38
C LEU B 417 6.39 -17.20 -16.27
N SER B 418 7.70 -17.02 -16.38
CA SER B 418 8.53 -17.90 -17.18
C SER B 418 9.95 -17.88 -16.63
N LYS B 419 10.70 -18.93 -16.99
CA LYS B 419 12.12 -19.02 -16.64
C LYS B 419 12.94 -18.34 -17.71
N VAL B 420 13.91 -17.53 -17.30
CA VAL B 420 14.74 -16.81 -18.25
C VAL B 420 15.58 -17.81 -19.06
N GLY B 421 15.86 -17.44 -20.31
CA GLY B 421 16.62 -18.29 -21.20
C GLY B 421 15.94 -19.59 -21.58
N GLN B 422 14.65 -19.75 -21.29
CA GLN B 422 13.93 -20.99 -21.56
C GLN B 422 12.53 -20.63 -22.07
N GLY B 423 12.41 -20.48 -23.38
CA GLY B 423 11.10 -20.39 -23.99
C GLY B 423 10.30 -21.67 -23.77
N ASN B 424 8.99 -21.54 -23.93
CA ASN B 424 7.98 -22.59 -23.76
C ASN B 424 7.69 -22.91 -22.30
N THR B 425 8.30 -22.21 -21.34
CA THR B 425 7.99 -22.40 -19.93
C THR B 425 6.96 -21.39 -19.41
N GLU B 426 6.48 -20.50 -20.28
CA GLU B 426 5.57 -19.44 -19.84
C GLU B 426 4.22 -20.02 -19.46
N ARG B 427 3.65 -19.47 -18.38
CA ARG B 427 2.30 -19.82 -17.95
C ARG B 427 1.71 -18.62 -17.23
N THR B 428 0.39 -18.52 -17.27
CA THR B 428 -0.31 -17.39 -16.66
C THR B 428 -0.59 -17.68 -15.19
N VAL B 429 -0.25 -16.72 -14.33
CA VAL B 429 -0.53 -16.80 -12.90
C VAL B 429 -1.48 -15.66 -12.56
N TRP B 430 -2.66 -16.02 -12.05
CA TRP B 430 -3.71 -15.05 -11.73
C TRP B 430 -3.61 -14.71 -10.25
N GLN B 431 -3.26 -13.46 -9.96
CA GLN B 431 -3.11 -12.98 -8.59
C GLN B 431 -4.38 -12.28 -8.16
N TYR B 432 -5.03 -12.81 -7.13
CA TYR B 432 -6.25 -12.24 -6.57
C TYR B 432 -5.90 -11.54 -5.26
N HIS B 433 -5.96 -10.21 -5.26
CA HIS B 433 -5.49 -9.39 -4.15
C HIS B 433 -6.70 -8.80 -3.43
N PHE B 434 -7.16 -9.48 -2.39
CA PHE B 434 -8.18 -8.91 -1.51
C PHE B 434 -7.59 -7.74 -0.74
N ARG B 435 -8.24 -6.57 -0.84
CA ARG B 435 -7.68 -5.34 -0.32
C ARG B 435 -8.49 -4.70 0.81
N THR B 436 -9.69 -5.19 1.10
CA THR B 436 -10.59 -4.50 2.02
C THR B 436 -10.71 -5.19 3.37
N TRP B 437 -9.90 -6.21 3.64
CA TRP B 437 -9.94 -6.86 4.94
C TRP B 437 -9.56 -5.85 6.03
N PRO B 438 -10.29 -5.80 7.14
CA PRO B 438 -10.00 -4.79 8.16
C PRO B 438 -8.63 -5.00 8.78
N ASP B 439 -8.05 -3.90 9.27
CA ASP B 439 -6.72 -3.97 9.89
C ASP B 439 -6.74 -4.89 11.11
N HIS B 440 -7.84 -4.88 11.87
CA HIS B 440 -8.01 -5.76 13.01
C HIS B 440 -9.31 -6.53 12.84
N GLY B 441 -9.35 -7.73 13.43
CA GLY B 441 -10.58 -8.51 13.40
C GLY B 441 -10.90 -9.05 12.02
N VAL B 442 -12.19 -9.23 11.77
CA VAL B 442 -12.67 -9.82 10.53
C VAL B 442 -13.78 -8.95 9.96
N PRO B 443 -14.10 -9.11 8.67
CA PRO B 443 -15.22 -8.36 8.10
C PRO B 443 -16.53 -8.72 8.79
N SER B 444 -17.43 -7.73 8.85
CA SER B 444 -18.73 -7.94 9.45
C SER B 444 -19.66 -8.77 8.57
N ASP B 445 -19.41 -8.80 7.26
CA ASP B 445 -20.22 -9.57 6.33
C ASP B 445 -19.29 -10.41 5.46
N PRO B 446 -19.57 -11.70 5.27
CA PRO B 446 -18.72 -12.56 4.45
C PRO B 446 -19.01 -12.51 2.95
N GLY B 447 -19.92 -11.65 2.52
CA GLY B 447 -20.31 -11.64 1.11
C GLY B 447 -19.16 -11.33 0.18
N GLY B 448 -18.32 -10.36 0.56
CA GLY B 448 -17.17 -10.03 -0.27
C GLY B 448 -16.17 -11.16 -0.37
N VAL B 449 -15.92 -11.84 0.76
CA VAL B 449 -15.00 -12.96 0.76
C VAL B 449 -15.55 -14.11 -0.06
N LEU B 450 -16.87 -14.35 0.03
CA LEU B 450 -17.47 -15.46 -0.70
C LEU B 450 -17.45 -15.22 -2.20
N ASP B 451 -17.80 -14.02 -2.65
CA ASP B 451 -17.69 -13.68 -4.07
C ASP B 451 -16.25 -13.77 -4.52
N PHE B 452 -15.31 -13.34 -3.67
CA PHE B 452 -13.89 -13.47 -3.96
C PHE B 452 -13.49 -14.94 -4.13
N LEU B 453 -13.83 -15.77 -3.13
CA LEU B 453 -13.44 -17.18 -3.17
C LEU B 453 -14.09 -17.91 -4.34
N GLU B 454 -15.32 -17.54 -4.70
CA GLU B 454 -15.99 -18.20 -5.81
C GLU B 454 -15.28 -17.93 -7.13
N GLU B 455 -14.85 -16.69 -7.34
CA GLU B 455 -14.09 -16.36 -8.55
C GLU B 455 -12.75 -17.08 -8.57
N VAL B 456 -12.08 -17.16 -7.42
CA VAL B 456 -10.79 -17.84 -7.33
C VAL B 456 -10.96 -19.32 -7.64
N HIS B 457 -12.03 -19.93 -7.13
CA HIS B 457 -12.25 -21.35 -7.36
C HIS B 457 -12.49 -21.64 -8.84
N HIS B 458 -13.29 -20.82 -9.50
CA HIS B 458 -13.62 -21.07 -10.91
C HIS B 458 -12.41 -20.85 -11.80
N LYS B 459 -11.57 -19.86 -11.48
CA LYS B 459 -10.34 -19.66 -12.24
C LYS B 459 -9.42 -20.88 -12.11
N GLN B 460 -9.27 -21.38 -10.89
CA GLN B 460 -8.44 -22.57 -10.66
C GLN B 460 -9.00 -23.77 -11.40
N GLU B 461 -10.31 -23.97 -11.35
CA GLU B 461 -10.92 -25.14 -11.98
C GLU B 461 -10.80 -25.10 -13.50
N SER B 462 -10.67 -23.91 -14.09
CA SER B 462 -10.60 -23.77 -15.53
C SER B 462 -9.21 -24.10 -16.10
N ILE B 463 -8.19 -24.20 -15.25
CA ILE B 463 -6.82 -24.41 -15.68
C ILE B 463 -6.47 -25.87 -15.45
N MET B 464 -6.25 -26.61 -16.53
CA MET B 464 -5.96 -28.04 -16.43
C MET B 464 -4.60 -28.26 -15.80
N ASP B 465 -4.55 -29.19 -14.83
CA ASP B 465 -3.31 -29.59 -14.16
C ASP B 465 -2.66 -28.44 -13.40
N ALA B 466 -3.47 -27.46 -12.99
CA ALA B 466 -2.94 -26.36 -12.20
C ALA B 466 -2.44 -26.86 -10.85
N GLY B 467 -1.35 -26.27 -10.36
CA GLY B 467 -0.78 -26.65 -9.10
C GLY B 467 -1.58 -26.15 -7.92
N PRO B 468 -0.98 -26.17 -6.73
CA PRO B 468 -1.69 -25.69 -5.54
C PRO B 468 -1.97 -24.20 -5.62
N VAL B 469 -3.02 -23.78 -4.92
CA VAL B 469 -3.37 -22.36 -4.84
C VAL B 469 -2.51 -21.73 -3.76
N VAL B 470 -1.73 -20.72 -4.14
CA VAL B 470 -0.87 -20.01 -3.20
C VAL B 470 -1.70 -18.98 -2.45
N VAL B 471 -1.69 -19.06 -1.13
CA VAL B 471 -2.43 -18.14 -0.27
C VAL B 471 -1.46 -17.54 0.74
N HIS B 472 -1.52 -16.22 0.92
CA HIS B 472 -0.65 -15.56 1.88
C HIS B 472 -1.31 -14.30 2.41
N CYS B 473 -0.88 -13.90 3.62
CA CYS B 473 -1.21 -12.60 4.18
C CYS B 473 0.06 -11.95 4.71
N SER B 474 0.15 -11.76 6.03
CA SER B 474 1.38 -11.26 6.65
C SER B 474 2.24 -12.43 7.12
N ALA B 475 1.83 -13.06 8.22
CA ALA B 475 2.52 -14.25 8.70
C ALA B 475 2.07 -15.51 7.98
N GLY B 476 0.93 -15.47 7.30
CA GLY B 476 0.45 -16.62 6.56
C GLY B 476 -0.19 -17.71 7.39
N ILE B 477 -0.83 -17.35 8.50
CA ILE B 477 -1.46 -18.34 9.37
C ILE B 477 -2.86 -17.88 9.76
N GLY B 478 -3.04 -16.57 9.92
CA GLY B 478 -4.32 -16.04 10.38
C GLY B 478 -5.35 -15.90 9.30
N ARG B 479 -5.28 -14.81 8.52
CA ARG B 479 -6.18 -14.64 7.40
C ARG B 479 -6.00 -15.75 6.37
N THR B 480 -4.76 -16.19 6.17
CA THR B 480 -4.48 -17.29 5.25
C THR B 480 -5.21 -18.56 5.69
N GLY B 481 -5.09 -18.92 6.97
CA GLY B 481 -5.77 -20.09 7.47
C GLY B 481 -7.28 -19.97 7.38
N THR B 482 -7.79 -18.76 7.62
CA THR B 482 -9.24 -18.54 7.54
C THR B 482 -9.75 -18.73 6.12
N PHE B 483 -9.06 -18.13 5.14
CA PHE B 483 -9.46 -18.28 3.75
C PHE B 483 -9.42 -19.74 3.30
N ILE B 484 -8.35 -20.45 3.67
CA ILE B 484 -8.18 -21.82 3.19
C ILE B 484 -9.23 -22.73 3.81
N VAL B 485 -9.53 -22.57 5.10
CA VAL B 485 -10.51 -23.43 5.74
C VAL B 485 -11.90 -23.21 5.16
N ILE B 486 -12.27 -21.95 4.93
CA ILE B 486 -13.55 -21.67 4.28
C ILE B 486 -13.60 -22.31 2.90
N ASP B 487 -12.51 -22.18 2.14
CA ASP B 487 -12.47 -22.75 0.79
C ASP B 487 -12.60 -24.27 0.83
N ILE B 488 -11.98 -24.91 1.84
CA ILE B 488 -12.08 -26.36 1.97
C ILE B 488 -13.50 -26.78 2.27
N LEU B 489 -14.15 -26.08 3.20
CA LEU B 489 -15.52 -26.44 3.58
C LEU B 489 -16.49 -26.19 2.44
N ILE B 490 -16.30 -25.10 1.69
CA ILE B 490 -17.18 -24.80 0.57
C ILE B 490 -17.01 -25.84 -0.53
N ASP B 491 -15.76 -26.27 -0.78
CA ASP B 491 -15.52 -27.28 -1.80
C ASP B 491 -16.20 -28.60 -1.47
N ILE B 492 -16.29 -28.94 -0.18
CA ILE B 492 -17.02 -30.14 0.23
C ILE B 492 -18.49 -30.00 -0.12
N ILE B 493 -19.06 -28.82 0.11
CA ILE B 493 -20.46 -28.58 -0.24
C ILE B 493 -20.64 -28.60 -1.75
N ARG B 494 -19.61 -28.21 -2.51
CA ARG B 494 -19.67 -28.34 -3.96
C ARG B 494 -19.76 -29.79 -4.40
N GLU B 495 -18.90 -30.64 -3.83
CA GLU B 495 -18.78 -32.01 -4.31
C GLU B 495 -19.93 -32.89 -3.85
N LYS B 496 -20.51 -32.61 -2.69
CA LYS B 496 -21.49 -33.50 -2.09
C LYS B 496 -22.86 -32.87 -1.85
N GLY B 497 -23.02 -31.58 -2.12
CA GLY B 497 -24.31 -30.93 -1.92
C GLY B 497 -24.55 -30.56 -0.46
N VAL B 498 -25.76 -30.07 -0.21
CA VAL B 498 -26.11 -29.59 1.13
C VAL B 498 -26.28 -30.73 2.12
N ASP B 499 -26.46 -31.96 1.66
CA ASP B 499 -26.63 -33.11 2.54
C ASP B 499 -25.29 -33.80 2.82
N CYS B 500 -24.29 -33.00 3.14
CA CYS B 500 -22.96 -33.49 3.48
C CYS B 500 -22.63 -33.12 4.92
N ASP B 501 -21.73 -33.89 5.52
CA ASP B 501 -21.25 -33.62 6.86
C ASP B 501 -20.05 -32.68 6.80
N ILE B 502 -20.10 -31.61 7.59
CA ILE B 502 -18.97 -30.73 7.76
C ILE B 502 -18.66 -30.62 9.24
N ASP B 503 -17.37 -30.48 9.55
CA ASP B 503 -16.88 -30.45 10.93
C ASP B 503 -15.81 -29.36 10.98
N VAL B 504 -16.21 -28.16 11.44
CA VAL B 504 -15.31 -27.01 11.38
C VAL B 504 -14.05 -27.22 12.22
N PRO B 505 -14.12 -27.57 13.51
CA PRO B 505 -12.88 -27.75 14.26
C PRO B 505 -12.02 -28.90 13.77
N LYS B 506 -12.64 -29.98 13.27
CA LYS B 506 -11.86 -31.08 12.71
C LYS B 506 -11.08 -30.63 11.49
N THR B 507 -11.71 -29.86 10.60
CA THR B 507 -11.01 -29.36 9.43
C THR B 507 -9.88 -28.41 9.81
N ILE B 508 -10.11 -27.57 10.82
CA ILE B 508 -9.07 -26.64 11.26
C ILE B 508 -7.89 -27.39 11.87
N GLN B 509 -8.18 -28.37 12.72
CA GLN B 509 -7.11 -29.18 13.31
C GLN B 509 -6.31 -29.90 12.24
N MET B 510 -6.98 -30.33 11.16
CA MET B 510 -6.28 -31.00 10.07
C MET B 510 -5.35 -30.03 9.34
N VAL B 511 -5.77 -28.78 9.18
CA VAL B 511 -4.93 -27.79 8.53
C VAL B 511 -3.83 -27.31 9.47
N ARG B 512 -4.10 -27.26 10.78
CA ARG B 512 -3.09 -26.83 11.73
C ARG B 512 -1.97 -27.83 11.90
N SER B 513 -2.21 -29.11 11.59
CA SER B 513 -1.14 -30.10 11.60
C SER B 513 -0.20 -29.94 10.41
N GLN B 514 -0.51 -29.04 9.48
CA GLN B 514 0.33 -28.80 8.31
C GLN B 514 0.98 -27.42 8.30
N ARG B 515 0.46 -26.48 9.08
CA ARG B 515 1.12 -25.20 9.32
C ARG B 515 0.68 -24.69 10.68
N SER B 516 1.63 -24.12 11.43
CA SER B 516 1.37 -23.71 12.81
C SER B 516 0.30 -22.62 12.86
N GLY B 517 -0.69 -22.81 13.72
CA GLY B 517 -1.62 -21.75 14.05
C GLY B 517 -2.54 -21.30 12.94
N MET B 518 -2.85 -22.17 11.97
CA MET B 518 -3.83 -21.83 10.95
C MET B 518 -5.17 -21.53 11.62
N VAL B 519 -5.73 -20.35 11.29
CA VAL B 519 -6.85 -19.75 12.00
C VAL B 519 -6.40 -19.35 13.40
N GLN B 520 -6.40 -18.05 13.67
CA GLN B 520 -5.77 -17.49 14.86
C GLN B 520 -6.73 -17.17 15.99
N THR B 521 -7.91 -16.62 15.69
CA THR B 521 -8.77 -16.03 16.71
C THR B 521 -10.16 -16.63 16.65
N GLU B 522 -10.88 -16.48 17.77
CA GLU B 522 -12.29 -16.87 17.82
C GLU B 522 -13.13 -16.08 16.83
N ALA B 523 -12.75 -14.81 16.59
CA ALA B 523 -13.47 -14.01 15.61
C ALA B 523 -13.37 -14.62 14.23
N GLN B 524 -12.19 -15.12 13.86
CA GLN B 524 -12.04 -15.84 12.60
C GLN B 524 -12.82 -17.15 12.63
N TYR B 525 -12.85 -17.82 13.78
CA TYR B 525 -13.60 -19.06 13.91
C TYR B 525 -15.07 -18.85 13.63
N ARG B 526 -15.68 -17.83 14.25
CA ARG B 526 -17.08 -17.51 13.98
C ARG B 526 -17.28 -17.05 12.54
N PHE B 527 -16.29 -16.37 11.96
CA PHE B 527 -16.41 -15.90 10.58
C PHE B 527 -16.47 -17.07 9.62
N ILE B 528 -15.72 -18.14 9.88
CA ILE B 528 -15.80 -19.33 9.05
C ILE B 528 -17.20 -19.91 9.07
N TYR B 529 -17.79 -20.02 10.27
CA TYR B 529 -19.17 -20.48 10.40
C TYR B 529 -20.13 -19.58 9.64
N MET B 530 -19.96 -18.25 9.79
CA MET B 530 -20.84 -17.31 9.13
C MET B 530 -20.70 -17.39 7.61
N ALA B 531 -19.48 -17.56 7.11
CA ALA B 531 -19.27 -17.64 5.68
C ALA B 531 -19.88 -18.91 5.10
N VAL B 532 -19.72 -20.04 5.79
CA VAL B 532 -20.33 -21.29 5.32
C VAL B 532 -21.85 -21.19 5.37
N GLN B 533 -22.39 -20.58 6.43
CA GLN B 533 -23.84 -20.41 6.53
C GLN B 533 -24.36 -19.54 5.38
N HIS B 534 -23.65 -18.45 5.07
CA HIS B 534 -24.09 -17.57 3.99
C HIS B 534 -23.97 -18.24 2.63
N TYR B 535 -22.93 -19.06 2.43
CA TYR B 535 -22.78 -19.75 1.16
C TYR B 535 -23.93 -20.73 0.91
N ILE B 536 -24.36 -21.44 1.96
CA ILE B 536 -25.47 -22.37 1.82
C ILE B 536 -26.77 -21.60 1.57
N GLU B 537 -26.96 -20.48 2.25
CA GLU B 537 -28.18 -19.70 2.12
C GLU B 537 -28.33 -19.06 0.74
N THR B 538 -27.29 -19.07 -0.09
CA THR B 538 -27.37 -18.55 -1.45
C THR B 538 -27.34 -19.64 -2.50
N LEU B 539 -27.34 -20.91 -2.10
CA LEU B 539 -27.31 -22.02 -3.05
C LEU B 539 -28.68 -22.23 -3.69
#